data_3QTG
#
_entry.id   3QTG
#
_cell.length_a   116.300
_cell.length_b   107.400
_cell.length_c   105.000
_cell.angle_alpha   90.00
_cell.angle_beta   110.50
_cell.angle_gamma   90.00
#
_symmetry.space_group_name_H-M   'C 1 2 1'
#
loop_
_entity.id
_entity.type
_entity.pdbx_description
1 polymer 'Pyruvate kinase'
2 non-polymer 'SULFATE ION'
3 water water
#
_entity_poly.entity_id   1
_entity_poly.type   'polypeptide(L)'
_entity_poly.pdbx_seq_one_letter_code
;MSAPRGDHAILRARNLTKRVATLGPSTDVLRPDELIKFLDLVDGVRINLAHASPNEVKFRIEAVRSYEKAKNRPLAVIVD
LKGPSIRVGSTSPINVQEGEVVKFKLSDKSDGTYIPVPNKAFFSAVEQNDVILMLDGRLRLKVTNTGSDWIEAVAESSGV
ITGGKAIVVEGKDYDISTPAEEDVEALKAISPIRDNIDYVAISLAKSCKDVDSVRSLLTELGFQSQVAVKIETKGAVNNL
EELVQCSDYVVVARGDLGLHYGLDALPIVQRRIVHTSLKYGKPIAVATQLLDSMQSSPIPTRAEINDVFTTASMGVDSLW
LTNETASGKYPLAAVSWLSRILMNVEYQIPQSPLLQNSRDRFAKGLVELAQDLGANILVFSMSGTLARRIAKFRPRGVVY
VGTPNVRVARSLSIVWALEPLYIPAENYEEGLEKLISLKGTTPFVATYGIRGGVHSVKVKL
;
_entity_poly.pdbx_strand_id   A,B
#
loop_
_chem_comp.id
_chem_comp.type
_chem_comp.name
_chem_comp.formula
SO4 non-polymer 'SULFATE ION' 'O4 S -2'
#
# COMPACT_ATOMS: atom_id res chain seq x y z
N ARG A 12 19.30 6.88 2.33
CA ARG A 12 19.53 5.45 1.97
C ARG A 12 20.32 4.65 3.03
N ALA A 13 21.44 5.19 3.51
CA ALA A 13 22.41 4.44 4.34
C ALA A 13 21.94 4.08 5.76
N ARG A 14 21.24 5.01 6.42
CA ARG A 14 20.67 4.76 7.75
C ARG A 14 19.16 5.01 7.78
N ASN A 15 18.44 4.05 8.34
CA ASN A 15 16.99 4.09 8.30
C ASN A 15 16.36 5.04 9.32
N LEU A 16 15.28 5.68 8.88
CA LEU A 16 14.48 6.54 9.73
C LEU A 16 13.38 5.68 10.32
N THR A 17 12.77 4.84 9.47
CA THR A 17 11.84 3.80 9.91
C THR A 17 12.63 2.69 10.61
N LYS A 18 12.20 2.36 11.82
CA LYS A 18 12.86 1.33 12.61
C LYS A 18 12.31 -0.08 12.33
N ARG A 19 13.18 -1.07 12.52
CA ARG A 19 12.93 -2.44 12.08
C ARG A 19 12.89 -3.33 13.31
N VAL A 20 11.74 -3.95 13.54
CA VAL A 20 11.55 -4.87 14.67
C VAL A 20 11.28 -6.29 14.15
N ALA A 21 12.00 -7.28 14.70
CA ALA A 21 11.75 -8.69 14.38
C ALA A 21 11.35 -9.47 15.61
N THR A 22 10.46 -10.45 15.41
CA THR A 22 10.07 -11.36 16.47
C THR A 22 11.01 -12.59 16.52
N LEU A 23 11.43 -12.94 17.73
CA LEU A 23 12.29 -14.08 17.94
C LEU A 23 11.47 -15.33 18.20
N GLY A 24 11.87 -16.42 17.57
CA GLY A 24 11.15 -17.69 17.73
C GLY A 24 12.08 -18.86 17.48
N PRO A 25 11.52 -20.06 17.23
CA PRO A 25 12.33 -21.23 16.89
C PRO A 25 13.23 -21.03 15.67
N SER A 26 12.76 -20.27 14.66
CA SER A 26 13.55 -20.01 13.45
C SER A 26 14.81 -19.20 13.72
N THR A 27 14.79 -18.38 14.77
CA THR A 27 15.96 -17.61 15.14
C THR A 27 16.84 -18.32 16.17
N ASP A 28 16.20 -19.10 17.05
CA ASP A 28 16.90 -19.94 18.02
C ASP A 28 18.01 -20.81 17.40
N VAL A 29 17.73 -21.37 16.22
CA VAL A 29 18.65 -22.33 15.57
C VAL A 29 19.72 -21.66 14.71
N LEU A 30 19.69 -20.35 14.61
CA LEU A 30 20.69 -19.62 13.82
C LEU A 30 22.10 -19.85 14.34
N ARG A 31 22.99 -20.25 13.43
CA ARG A 31 24.42 -20.32 13.66
C ARG A 31 24.89 -18.99 14.28
N PRO A 32 25.83 -19.04 15.25
CA PRO A 32 26.30 -17.80 15.90
C PRO A 32 26.58 -16.67 14.91
N ASP A 33 26.89 -17.05 13.66
CA ASP A 33 27.26 -16.10 12.63
C ASP A 33 26.06 -15.62 11.82
N GLU A 34 25.06 -16.49 11.65
CA GLU A 34 23.79 -16.11 11.03
C GLU A 34 23.06 -15.13 11.93
N LEU A 35 23.16 -15.35 13.25
CA LEU A 35 22.52 -14.51 14.25
C LEU A 35 23.05 -13.07 14.19
N ILE A 36 24.36 -12.91 14.06
CA ILE A 36 24.99 -11.60 13.95
C ILE A 36 24.40 -10.82 12.76
N LYS A 37 24.38 -11.46 11.58
CA LYS A 37 23.89 -10.83 10.36
C LYS A 37 22.39 -10.49 10.43
N PHE A 38 21.66 -11.22 11.28
CA PHE A 38 20.23 -11.00 11.53
C PHE A 38 19.98 -9.76 12.41
N LEU A 39 20.72 -9.69 13.52
CA LEU A 39 20.58 -8.61 14.48
C LEU A 39 21.18 -7.30 13.98
N ASP A 40 22.13 -7.41 13.06
CA ASP A 40 22.69 -6.24 12.36
C ASP A 40 21.63 -5.52 11.54
N LEU A 41 20.53 -6.22 11.26
CA LEU A 41 19.49 -5.69 10.40
C LEU A 41 18.23 -5.29 11.15
N VAL A 42 18.29 -5.34 12.48
CA VAL A 42 17.13 -4.95 13.31
C VAL A 42 17.50 -3.83 14.29
N ASP A 43 16.48 -3.10 14.74
CA ASP A 43 16.64 -2.05 15.74
C ASP A 43 16.04 -2.46 17.05
N GLY A 44 15.26 -3.55 17.02
CA GLY A 44 14.60 -4.07 18.19
C GLY A 44 14.08 -5.47 17.96
N VAL A 45 13.75 -6.15 19.05
CA VAL A 45 13.28 -7.53 18.96
C VAL A 45 12.02 -7.65 19.79
N ARG A 46 11.12 -8.51 19.34
CA ARG A 46 9.89 -8.80 20.04
C ARG A 46 9.93 -10.26 20.56
N ILE A 47 9.39 -10.48 21.75
CA ILE A 47 9.22 -11.83 22.28
C ILE A 47 7.77 -11.96 22.68
N ASN A 48 7.09 -12.95 22.10
CA ASN A 48 5.67 -13.17 22.30
C ASN A 48 5.49 -14.12 23.50
N LEU A 49 4.89 -13.61 24.57
CA LEU A 49 4.75 -14.39 25.81
C LEU A 49 3.59 -15.40 25.75
N ALA A 50 2.90 -15.45 24.60
CA ALA A 50 2.00 -16.55 24.25
C ALA A 50 2.79 -17.84 23.97
N HIS A 51 3.85 -17.75 23.16
CA HIS A 51 4.61 -18.91 22.73
C HIS A 51 5.94 -19.06 23.43
N ALA A 52 6.24 -18.15 24.35
CA ALA A 52 7.56 -18.12 24.97
C ALA A 52 7.56 -18.63 26.40
N SER A 53 8.41 -19.61 26.63
CA SER A 53 8.73 -20.13 27.96
C SER A 53 9.68 -19.14 28.65
N PRO A 54 9.52 -18.95 29.98
CA PRO A 54 10.40 -18.05 30.73
C PRO A 54 11.90 -18.25 30.49
N ASN A 55 12.33 -19.48 30.22
CA ASN A 55 13.74 -19.73 29.91
C ASN A 55 14.09 -19.59 28.43
N GLU A 56 13.07 -19.61 27.57
CA GLU A 56 13.21 -19.15 26.19
C GLU A 56 13.36 -17.62 26.14
N VAL A 57 12.52 -16.92 26.91
CA VAL A 57 12.61 -15.47 27.06
C VAL A 57 13.99 -15.07 27.58
N LYS A 58 14.41 -15.72 28.67
CA LYS A 58 15.69 -15.44 29.33
C LYS A 58 16.88 -15.60 28.38
N PHE A 59 16.93 -16.72 27.67
CA PHE A 59 18.01 -17.07 26.73
C PHE A 59 18.04 -16.18 25.47
N ARG A 60 16.87 -15.78 24.98
CA ARG A 60 16.78 -14.91 23.81
C ARG A 60 17.28 -13.50 24.14
N ILE A 61 16.80 -12.96 25.27
CA ILE A 61 17.23 -11.68 25.78
C ILE A 61 18.74 -11.66 26.02
N GLU A 62 19.28 -12.72 26.63
CA GLU A 62 20.74 -12.85 26.83
C GLU A 62 21.55 -12.79 25.52
N ALA A 63 21.06 -13.47 24.49
CA ALA A 63 21.70 -13.42 23.17
C ALA A 63 21.63 -12.02 22.54
N VAL A 64 20.51 -11.34 22.80
CA VAL A 64 20.32 -9.96 22.32
C VAL A 64 21.32 -9.02 23.00
N ARG A 65 21.41 -9.11 24.33
CA ARG A 65 22.26 -8.21 25.14
C ARG A 65 23.74 -8.50 24.92
N SER A 66 24.03 -9.75 24.61
CA SER A 66 25.39 -10.18 24.28
C SER A 66 25.83 -9.55 22.96
N TYR A 67 24.94 -9.58 21.97
CA TYR A 67 25.18 -8.95 20.67
C TYR A 67 25.36 -7.44 20.82
N GLU A 68 24.46 -6.83 21.59
CA GLU A 68 24.46 -5.42 21.87
C GLU A 68 25.80 -4.95 22.44
N LYS A 69 26.36 -5.74 23.37
CA LYS A 69 27.66 -5.46 23.99
C LYS A 69 28.79 -5.55 22.96
N ALA A 70 28.85 -6.67 22.25
CA ALA A 70 29.85 -6.89 21.21
C ALA A 70 29.87 -5.80 20.13
N LYS A 71 28.69 -5.43 19.62
CA LYS A 71 28.60 -4.53 18.46
C LYS A 71 28.35 -3.08 18.84
N ASN A 72 28.24 -2.83 20.15
CA ASN A 72 27.92 -1.50 20.67
C ASN A 72 26.64 -0.92 20.03
N ARG A 73 25.61 -1.76 19.93
CA ARG A 73 24.34 -1.38 19.30
C ARG A 73 23.17 -1.60 20.23
N PRO A 74 22.67 -0.52 20.85
CA PRO A 74 21.51 -0.57 21.74
C PRO A 74 20.30 -1.10 20.96
N LEU A 75 19.64 -2.11 21.51
CA LEU A 75 18.49 -2.70 20.85
C LEU A 75 17.35 -2.69 21.83
N ALA A 76 16.16 -2.40 21.35
CA ALA A 76 14.96 -2.48 22.18
C ALA A 76 14.52 -3.93 22.30
N VAL A 77 14.17 -4.33 23.52
CA VAL A 77 13.47 -5.60 23.76
C VAL A 77 12.03 -5.32 24.11
N ILE A 78 11.13 -5.91 23.30
CA ILE A 78 9.70 -5.83 23.48
C ILE A 78 9.15 -7.22 23.90
N VAL A 79 8.35 -7.25 24.95
CA VAL A 79 7.63 -8.48 25.26
C VAL A 79 6.16 -8.22 24.98
N ASP A 80 5.53 -9.16 24.28
CA ASP A 80 4.14 -9.02 23.91
C ASP A 80 3.24 -9.94 24.75
N LEU A 81 2.34 -9.35 25.52
CA LEU A 81 1.48 -10.13 26.39
C LEU A 81 0.33 -10.80 25.64
N LYS A 82 -0.04 -11.99 26.14
CA LYS A 82 -1.08 -12.81 25.53
C LYS A 82 -2.44 -12.10 25.57
N GLY A 83 -2.79 -11.52 26.71
CA GLY A 83 -4.10 -10.90 26.85
C GLY A 83 -5.19 -11.94 27.11
N PRO A 84 -6.39 -11.49 27.46
CA PRO A 84 -7.41 -12.51 27.75
C PRO A 84 -7.91 -13.18 26.46
N SER A 85 -8.53 -14.35 26.59
CA SER A 85 -9.07 -15.03 25.44
C SER A 85 -10.23 -15.82 25.97
N ILE A 86 -11.15 -16.15 25.06
CA ILE A 86 -12.20 -17.09 25.37
C ILE A 86 -11.93 -18.35 24.55
N ARG A 87 -11.86 -19.49 25.23
CA ARG A 87 -11.52 -20.74 24.57
C ARG A 87 -12.57 -21.80 24.81
N VAL A 88 -12.72 -22.72 23.85
CA VAL A 88 -13.60 -23.86 23.99
C VAL A 88 -13.14 -24.59 25.28
N GLY A 89 -14.10 -25.05 26.07
CA GLY A 89 -13.79 -25.82 27.28
C GLY A 89 -13.51 -27.27 26.96
N SER A 90 -13.54 -28.11 27.99
CA SER A 90 -13.18 -29.50 27.83
C SER A 90 -14.25 -30.31 27.06
N THR A 91 -13.80 -31.01 26.03
CA THR A 91 -14.66 -31.79 25.13
C THR A 91 -13.77 -32.67 24.25
N SER A 92 -14.28 -33.83 23.85
CA SER A 92 -13.71 -34.58 22.74
C SER A 92 -13.93 -33.75 21.46
N PRO A 93 -13.07 -33.94 20.44
CA PRO A 93 -13.21 -33.14 19.21
C PRO A 93 -14.64 -33.20 18.66
N ILE A 94 -15.17 -32.06 18.26
CA ILE A 94 -16.52 -31.99 17.70
C ILE A 94 -16.41 -31.73 16.21
N ASN A 95 -16.95 -32.65 15.42
CA ASN A 95 -16.95 -32.52 13.97
C ASN A 95 -18.21 -31.81 13.48
N VAL A 96 -17.98 -30.70 12.81
CA VAL A 96 -19.03 -29.81 12.37
C VAL A 96 -19.18 -29.94 10.86
N GLN A 97 -20.41 -30.15 10.40
CA GLN A 97 -20.68 -30.22 8.96
C GLN A 97 -21.23 -28.90 8.48
N GLU A 98 -20.90 -28.55 7.23
CA GLU A 98 -21.41 -27.32 6.62
C GLU A 98 -22.94 -27.36 6.60
N GLY A 99 -23.58 -26.26 7.00
CA GLY A 99 -25.04 -26.24 7.17
C GLY A 99 -25.60 -26.74 8.50
N GLU A 100 -24.78 -27.43 9.30
CA GLU A 100 -25.19 -27.91 10.64
C GLU A 100 -25.49 -26.77 11.63
N VAL A 101 -26.60 -26.89 12.35
CA VAL A 101 -26.91 -25.97 13.44
C VAL A 101 -26.16 -26.44 14.70
N VAL A 102 -25.21 -25.63 15.14
CA VAL A 102 -24.30 -25.95 16.23
C VAL A 102 -24.73 -25.17 17.48
N LYS A 103 -24.72 -25.85 18.62
CA LYS A 103 -25.10 -25.23 19.89
C LYS A 103 -23.91 -24.94 20.79
N PHE A 104 -23.88 -23.71 21.34
CA PHE A 104 -22.89 -23.29 22.33
C PHE A 104 -23.59 -23.08 23.65
N LYS A 105 -23.00 -23.59 24.74
CA LYS A 105 -23.57 -23.40 26.07
C LYS A 105 -22.50 -22.91 26.99
N LEU A 106 -22.90 -22.07 27.93
CA LEU A 106 -22.04 -21.66 29.01
C LEU A 106 -21.68 -22.85 29.93
N SER A 107 -20.42 -23.28 29.84
CA SER A 107 -19.95 -24.51 30.46
C SER A 107 -18.45 -24.66 30.24
N ASP A 108 -17.77 -25.25 31.20
CA ASP A 108 -16.35 -25.58 31.08
C ASP A 108 -16.15 -27.03 30.62
N LYS A 109 -17.24 -27.78 30.45
CA LYS A 109 -17.17 -29.20 30.07
C LYS A 109 -18.50 -29.66 29.51
N SER A 110 -18.47 -30.19 28.29
CA SER A 110 -19.68 -30.71 27.65
C SER A 110 -19.78 -32.23 27.79
N ASP A 111 -20.95 -32.76 27.45
CA ASP A 111 -21.22 -34.20 27.41
C ASP A 111 -21.09 -34.72 25.98
N GLY A 112 -20.53 -33.88 25.11
CA GLY A 112 -20.39 -34.24 23.70
C GLY A 112 -21.44 -33.63 22.78
N THR A 113 -22.60 -33.24 23.31
CA THR A 113 -23.70 -32.75 22.45
C THR A 113 -23.66 -31.25 22.11
N TYR A 114 -22.72 -30.51 22.69
CA TYR A 114 -22.62 -29.06 22.44
C TYR A 114 -21.19 -28.56 22.60
N ILE A 115 -20.94 -27.30 22.18
CA ILE A 115 -19.63 -26.68 22.35
C ILE A 115 -19.63 -25.92 23.67
N PRO A 116 -18.71 -26.28 24.60
CA PRO A 116 -18.67 -25.58 25.85
C PRO A 116 -17.83 -24.29 25.81
N VAL A 117 -18.42 -23.18 26.26
CA VAL A 117 -17.72 -21.91 26.31
C VAL A 117 -17.77 -21.38 27.75
N PRO A 118 -16.64 -21.49 28.50
CA PRO A 118 -16.65 -21.15 29.92
C PRO A 118 -16.53 -19.65 30.25
N ASN A 119 -17.20 -18.80 29.49
CA ASN A 119 -17.14 -17.38 29.79
C ASN A 119 -18.41 -16.67 29.41
N LYS A 120 -19.10 -16.09 30.39
CA LYS A 120 -20.37 -15.41 30.13
C LYS A 120 -20.23 -14.22 29.18
N ALA A 121 -19.06 -13.58 29.18
CA ALA A 121 -18.79 -12.46 28.28
C ALA A 121 -19.02 -12.82 26.80
N PHE A 122 -18.81 -14.09 26.44
CA PHE A 122 -19.13 -14.57 25.09
C PHE A 122 -20.63 -14.42 24.84
N PHE A 123 -21.42 -14.86 25.81
CA PHE A 123 -22.88 -14.82 25.66
C PHE A 123 -23.42 -13.39 25.69
N SER A 124 -22.82 -12.52 26.50
CA SER A 124 -23.21 -11.10 26.50
C SER A 124 -22.86 -10.37 25.20
N ALA A 125 -21.82 -10.80 24.50
CA ALA A 125 -21.36 -10.13 23.27
C ALA A 125 -22.14 -10.54 22.00
N VAL A 126 -22.75 -11.72 22.00
CA VAL A 126 -23.34 -12.30 20.81
C VAL A 126 -24.83 -11.95 20.62
N GLU A 127 -25.16 -11.51 19.40
CA GLU A 127 -26.54 -11.28 18.96
C GLU A 127 -26.81 -12.11 17.71
N GLN A 128 -28.10 -12.25 17.40
CA GLN A 128 -28.52 -12.87 16.13
C GLN A 128 -27.88 -12.18 14.92
N ASN A 129 -27.42 -13.01 13.98
CA ASN A 129 -26.70 -12.58 12.76
C ASN A 129 -25.23 -12.22 12.92
N ASP A 130 -24.71 -12.30 14.16
CA ASP A 130 -23.27 -12.19 14.37
C ASP A 130 -22.59 -13.41 13.80
N VAL A 131 -21.31 -13.27 13.48
CA VAL A 131 -20.50 -14.36 12.97
C VAL A 131 -19.41 -14.72 13.99
N ILE A 132 -19.36 -16.02 14.32
CA ILE A 132 -18.44 -16.55 15.30
C ILE A 132 -17.24 -17.12 14.55
N LEU A 133 -16.03 -16.82 14.99
CA LEU A 133 -14.81 -17.22 14.30
C LEU A 133 -13.96 -18.16 15.12
N MET A 134 -13.64 -19.28 14.51
CA MET A 134 -12.86 -20.32 15.15
C MET A 134 -11.82 -20.75 14.15
N LEU A 135 -10.76 -21.38 14.64
CA LEU A 135 -9.71 -21.88 13.77
C LEU A 135 -9.09 -20.68 13.03
N ASP A 136 -8.79 -19.63 13.80
CA ASP A 136 -8.18 -18.39 13.29
C ASP A 136 -9.02 -17.58 12.27
N GLY A 137 -10.28 -17.99 12.06
CA GLY A 137 -11.15 -17.37 11.08
C GLY A 137 -11.55 -18.31 9.96
N ARG A 138 -11.00 -19.53 9.99
CA ARG A 138 -11.27 -20.59 8.99
C ARG A 138 -12.60 -21.35 9.19
N LEU A 139 -13.19 -21.22 10.36
CA LEU A 139 -14.51 -21.78 10.60
C LEU A 139 -15.38 -20.63 11.02
N ARG A 140 -16.35 -20.28 10.18
CA ARG A 140 -17.30 -19.24 10.50
C ARG A 140 -18.64 -19.87 10.76
N LEU A 141 -19.35 -19.32 11.75
CA LEU A 141 -20.68 -19.81 12.10
C LEU A 141 -21.61 -18.61 12.23
N LYS A 142 -22.76 -18.69 11.57
CA LYS A 142 -23.72 -17.60 11.56
C LYS A 142 -24.73 -17.83 12.69
N VAL A 143 -24.83 -16.89 13.62
CA VAL A 143 -25.74 -17.01 14.78
C VAL A 143 -27.24 -16.83 14.41
N THR A 144 -28.03 -17.86 14.70
CA THR A 144 -29.42 -17.93 14.29
C THR A 144 -30.44 -17.84 15.43
N ASN A 145 -29.96 -18.05 16.65
CA ASN A 145 -30.82 -17.96 17.83
C ASN A 145 -29.92 -17.88 19.05
N THR A 146 -30.40 -17.18 20.09
CA THR A 146 -29.68 -16.99 21.35
C THR A 146 -30.68 -17.13 22.49
N GLY A 147 -30.20 -17.52 23.67
CA GLY A 147 -31.07 -17.76 24.80
C GLY A 147 -30.43 -17.28 26.09
N SER A 148 -30.77 -17.93 27.21
CA SER A 148 -30.22 -17.52 28.50
C SER A 148 -28.68 -17.59 28.39
N ASP A 149 -28.15 -18.80 28.55
CA ASP A 149 -26.71 -19.01 28.50
C ASP A 149 -26.39 -19.98 27.34
N TRP A 150 -26.95 -19.68 26.17
CA TRP A 150 -26.75 -20.53 25.00
C TRP A 150 -26.94 -19.79 23.67
N ILE A 151 -26.41 -20.40 22.62
CA ILE A 151 -26.41 -19.85 21.28
C ILE A 151 -26.54 -21.01 20.29
N GLU A 152 -27.28 -20.79 19.22
CA GLU A 152 -27.23 -21.66 18.06
C GLU A 152 -26.64 -20.89 16.87
N ALA A 153 -25.82 -21.56 16.07
CA ALA A 153 -25.18 -20.96 14.91
C ALA A 153 -25.00 -21.96 13.77
N VAL A 154 -25.11 -21.51 12.53
CA VAL A 154 -25.00 -22.41 11.38
C VAL A 154 -23.58 -22.33 10.85
N ALA A 155 -22.94 -23.49 10.73
CA ALA A 155 -21.60 -23.58 10.19
C ALA A 155 -21.62 -23.29 8.68
N GLU A 156 -20.74 -22.39 8.25
CA GLU A 156 -20.62 -22.00 6.86
C GLU A 156 -19.71 -22.97 6.11
N SER A 157 -18.95 -23.78 6.86
CA SER A 157 -18.16 -24.87 6.30
C SER A 157 -17.94 -25.99 7.33
N SER A 158 -17.36 -27.09 6.87
CA SER A 158 -16.96 -28.20 7.73
C SER A 158 -15.72 -27.87 8.54
N GLY A 159 -15.51 -28.59 9.65
CA GLY A 159 -14.43 -28.30 10.56
C GLY A 159 -14.50 -29.14 11.81
N VAL A 160 -13.42 -29.12 12.57
CA VAL A 160 -13.32 -29.89 13.79
C VAL A 160 -13.03 -28.90 14.92
N ILE A 161 -13.93 -28.84 15.90
CA ILE A 161 -13.74 -27.99 17.07
C ILE A 161 -13.10 -28.80 18.18
N THR A 162 -11.99 -28.26 18.69
CA THR A 162 -11.19 -28.90 19.73
C THR A 162 -11.25 -28.02 21.01
N GLY A 163 -11.20 -28.67 22.18
CA GLY A 163 -11.07 -27.98 23.45
C GLY A 163 -9.81 -27.13 23.50
N GLY A 164 -9.93 -25.95 24.08
CA GLY A 164 -8.79 -25.08 24.20
C GLY A 164 -8.60 -24.13 23.03
N LYS A 165 -9.32 -24.32 21.93
CA LYS A 165 -9.21 -23.40 20.77
C LYS A 165 -9.94 -22.09 21.07
N ALA A 166 -9.37 -20.98 20.59
CA ALA A 166 -9.91 -19.64 20.79
C ALA A 166 -11.14 -19.28 19.93
N ILE A 167 -11.98 -18.37 20.44
CA ILE A 167 -13.25 -18.03 19.80
C ILE A 167 -13.36 -16.52 19.81
N VAL A 168 -13.64 -15.97 18.64
CA VAL A 168 -13.77 -14.53 18.46
C VAL A 168 -15.12 -14.26 17.78
N VAL A 169 -15.77 -13.14 18.13
CA VAL A 169 -17.00 -12.75 17.49
C VAL A 169 -16.65 -11.58 16.55
N GLU A 170 -16.79 -11.81 15.24
CA GLU A 170 -16.48 -10.81 14.20
C GLU A 170 -17.11 -9.45 14.52
N GLY A 171 -16.26 -8.44 14.72
CA GLY A 171 -16.71 -7.06 15.00
C GLY A 171 -17.25 -6.78 16.40
N LYS A 172 -17.09 -7.73 17.32
CA LYS A 172 -17.54 -7.56 18.72
C LYS A 172 -16.38 -7.71 19.67
N ASP A 173 -16.39 -6.89 20.72
CA ASP A 173 -15.43 -6.98 21.80
C ASP A 173 -16.00 -7.70 23.01
N TYR A 174 -15.18 -8.49 23.68
CA TYR A 174 -15.57 -9.09 24.94
C TYR A 174 -15.34 -8.17 26.16
N ASP A 175 -16.34 -8.05 27.02
CA ASP A 175 -16.18 -7.30 28.26
C ASP A 175 -15.54 -8.18 29.35
N ILE A 176 -14.22 -8.32 29.29
CA ILE A 176 -13.49 -9.13 30.27
C ILE A 176 -12.56 -8.27 31.16
N SER A 177 -12.71 -8.43 32.48
CA SER A 177 -11.85 -7.76 33.47
C SER A 177 -10.35 -7.94 33.18
N THR A 178 -9.57 -6.89 33.38
CA THR A 178 -8.12 -6.93 33.10
C THR A 178 -7.27 -6.35 34.25
N PRO A 179 -5.94 -6.61 34.24
CA PRO A 179 -5.16 -7.43 33.29
C PRO A 179 -5.54 -8.90 33.44
N ALA A 180 -5.29 -9.69 32.40
CA ALA A 180 -5.59 -11.11 32.41
C ALA A 180 -4.71 -11.84 33.42
N GLU A 181 -5.31 -12.80 34.12
CA GLU A 181 -4.63 -13.59 35.15
C GLU A 181 -3.36 -14.21 34.59
N GLU A 182 -3.42 -14.64 33.33
CA GLU A 182 -2.27 -15.24 32.63
C GLU A 182 -1.18 -14.20 32.32
N ASP A 183 -1.58 -12.94 32.15
CA ASP A 183 -0.61 -11.86 31.93
C ASP A 183 0.14 -11.56 33.24
N VAL A 184 -0.63 -11.40 34.31
CA VAL A 184 -0.12 -11.26 35.67
C VAL A 184 0.91 -12.35 35.99
N GLU A 185 0.57 -13.61 35.66
CA GLU A 185 1.46 -14.75 35.84
C GLU A 185 2.73 -14.66 34.99
N ALA A 186 2.58 -14.26 33.72
CA ALA A 186 3.72 -14.14 32.81
C ALA A 186 4.68 -13.01 33.19
N LEU A 187 4.14 -11.91 33.69
CA LEU A 187 4.97 -10.78 34.14
C LEU A 187 5.80 -11.06 35.40
N LYS A 188 5.27 -11.83 36.34
CA LYS A 188 6.09 -12.12 37.51
C LYS A 188 7.06 -13.28 37.29
N ALA A 189 6.71 -14.19 36.38
CA ALA A 189 7.63 -15.22 35.94
C ALA A 189 8.91 -14.63 35.35
N ILE A 190 8.78 -13.46 34.73
CA ILE A 190 9.87 -12.84 33.97
C ILE A 190 10.49 -11.66 34.73
N SER A 191 9.84 -11.26 35.83
CA SER A 191 10.32 -10.20 36.72
C SER A 191 11.78 -10.23 37.19
N PRO A 192 12.41 -11.43 37.32
CA PRO A 192 13.85 -11.40 37.61
C PRO A 192 14.72 -10.68 36.54
N ILE A 193 14.25 -10.63 35.29
CA ILE A 193 15.02 -9.98 34.20
C ILE A 193 14.34 -8.69 33.69
N ARG A 194 13.57 -8.07 34.57
CA ARG A 194 12.77 -6.91 34.25
C ARG A 194 13.58 -5.70 33.82
N ASP A 195 14.85 -5.63 34.25
CA ASP A 195 15.68 -4.48 33.93
C ASP A 195 16.15 -4.51 32.45
N ASN A 196 16.00 -5.67 31.83
CA ASN A 196 16.36 -5.86 30.44
C ASN A 196 15.18 -5.76 29.47
N ILE A 197 14.01 -5.36 29.98
CA ILE A 197 12.81 -5.26 29.16
C ILE A 197 12.35 -3.80 28.94
N ASP A 198 12.34 -3.39 27.68
CA ASP A 198 12.19 -1.99 27.32
C ASP A 198 10.75 -1.62 27.02
N TYR A 199 9.99 -2.56 26.46
CA TYR A 199 8.58 -2.32 26.12
C TYR A 199 7.75 -3.53 26.48
N VAL A 200 6.54 -3.27 26.97
CA VAL A 200 5.55 -4.30 27.24
C VAL A 200 4.33 -3.98 26.37
N ALA A 201 3.98 -4.91 25.49
CA ALA A 201 2.87 -4.67 24.58
C ALA A 201 1.57 -5.33 25.11
N ILE A 202 0.52 -4.51 25.26
CA ILE A 202 -0.78 -4.92 25.82
C ILE A 202 -1.70 -5.36 24.70
N SER A 203 -2.31 -6.54 24.87
CA SER A 203 -3.34 -7.02 23.94
C SER A 203 -4.75 -6.71 24.40
N LEU A 204 -5.60 -6.32 23.46
CA LEU A 204 -7.06 -6.25 23.68
C LEU A 204 -7.54 -5.23 24.70
N ALA A 205 -6.73 -4.20 24.94
CA ALA A 205 -7.16 -3.06 25.75
C ALA A 205 -8.21 -2.25 24.97
N LYS A 206 -9.21 -1.71 25.65
CA LYS A 206 -10.18 -0.85 24.95
C LYS A 206 -10.60 0.37 25.74
N SER A 207 -9.97 0.57 26.91
CA SER A 207 -10.15 1.78 27.68
C SER A 207 -8.85 2.16 28.38
N CYS A 208 -8.78 3.41 28.79
CA CYS A 208 -7.67 3.91 29.59
C CYS A 208 -7.49 3.12 30.89
N LYS A 209 -8.60 2.69 31.50
CA LYS A 209 -8.57 1.90 32.74
C LYS A 209 -7.73 0.64 32.57
N ASP A 210 -7.95 -0.06 31.46
CA ASP A 210 -7.20 -1.27 31.08
C ASP A 210 -5.68 -1.03 31.01
N VAL A 211 -5.30 0.07 30.36
CA VAL A 211 -3.89 0.44 30.21
C VAL A 211 -3.24 0.77 31.58
N ASP A 212 -3.92 1.58 32.37
CA ASP A 212 -3.51 1.95 33.73
C ASP A 212 -3.28 0.76 34.66
N SER A 213 -4.11 -0.28 34.50
CA SER A 213 -4.00 -1.49 35.31
C SER A 213 -2.71 -2.22 35.03
N VAL A 214 -2.32 -2.28 33.76
CA VAL A 214 -1.05 -2.88 33.41
C VAL A 214 0.09 -1.98 33.91
N ARG A 215 -0.11 -0.66 33.84
CA ARG A 215 0.90 0.28 34.33
C ARG A 215 1.18 0.11 35.82
N SER A 216 0.13 -0.02 36.62
CA SER A 216 0.24 -0.23 38.08
C SER A 216 0.86 -1.57 38.40
N LEU A 217 0.45 -2.62 37.70
CA LEU A 217 1.09 -3.92 37.84
C LEU A 217 2.59 -3.90 37.53
N LEU A 218 2.97 -3.25 36.42
CA LEU A 218 4.38 -3.17 36.01
C LEU A 218 5.21 -2.42 37.03
N THR A 219 4.63 -1.35 37.57
CA THR A 219 5.23 -0.58 38.66
C THR A 219 5.35 -1.43 39.94
N GLU A 220 4.27 -2.10 40.33
CA GLU A 220 4.29 -3.01 41.49
C GLU A 220 5.44 -4.01 41.40
N LEU A 221 5.72 -4.48 40.19
CA LEU A 221 6.67 -5.56 39.97
C LEU A 221 8.08 -5.06 39.67
N GLY A 222 8.26 -3.75 39.73
CA GLY A 222 9.58 -3.12 39.53
C GLY A 222 10.03 -2.94 38.09
N PHE A 223 9.11 -3.08 37.13
CA PHE A 223 9.45 -2.80 35.74
C PHE A 223 9.59 -1.30 35.51
N GLN A 224 10.51 -0.94 34.63
CA GLN A 224 10.59 0.44 34.12
C GLN A 224 10.46 0.42 32.61
N SER A 225 9.31 -0.04 32.13
CA SER A 225 9.10 -0.26 30.70
C SER A 225 8.07 0.70 30.12
N GLN A 226 8.23 1.00 28.82
CA GLN A 226 7.22 1.77 28.09
C GLN A 226 6.06 0.83 27.81
N VAL A 227 4.84 1.34 27.86
CA VAL A 227 3.67 0.52 27.57
C VAL A 227 3.17 0.76 26.13
N ALA A 228 3.24 -0.29 25.33
CA ALA A 228 2.81 -0.24 23.94
C ALA A 228 1.41 -0.83 23.86
N VAL A 229 0.49 -0.08 23.25
CA VAL A 229 -0.91 -0.46 23.19
C VAL A 229 -1.30 -0.88 21.78
N LYS A 230 -1.64 -2.16 21.64
CA LYS A 230 -2.08 -2.70 20.36
C LYS A 230 -3.52 -2.34 20.09
N ILE A 231 -3.79 -1.89 18.86
CA ILE A 231 -5.16 -1.62 18.44
C ILE A 231 -5.57 -2.82 17.59
N GLU A 232 -6.46 -3.64 18.15
CA GLU A 232 -6.74 -4.99 17.67
C GLU A 232 -8.21 -5.20 17.33
N THR A 233 -9.07 -4.30 17.78
CA THR A 233 -10.51 -4.55 17.66
C THR A 233 -11.28 -3.31 17.30
N LYS A 234 -12.51 -3.53 16.89
CA LYS A 234 -13.45 -2.46 16.61
C LYS A 234 -13.64 -1.53 17.83
N GLY A 235 -13.67 -2.11 19.03
CA GLY A 235 -13.86 -1.35 20.26
C GLY A 235 -12.70 -0.44 20.55
N ALA A 236 -11.49 -0.90 20.22
CA ALA A 236 -10.28 -0.06 20.31
C ALA A 236 -10.33 1.10 19.29
N VAL A 237 -10.73 0.78 18.06
CA VAL A 237 -10.88 1.79 17.04
C VAL A 237 -11.96 2.84 17.41
N ASN A 238 -13.08 2.42 17.99
CA ASN A 238 -14.11 3.41 18.40
C ASN A 238 -13.70 4.29 19.62
N ASN A 239 -12.70 3.83 20.37
CA ASN A 239 -12.14 4.57 21.52
C ASN A 239 -10.68 5.03 21.27
N LEU A 240 -10.36 5.30 20.00
CA LEU A 240 -8.97 5.58 19.58
C LEU A 240 -8.38 6.87 20.19
N GLU A 241 -9.13 7.97 20.13
CA GLU A 241 -8.72 9.25 20.73
C GLU A 241 -8.14 9.09 22.14
N GLU A 242 -8.92 8.46 23.03
CA GLU A 242 -8.52 8.29 24.43
C GLU A 242 -7.46 7.24 24.63
N LEU A 243 -7.55 6.15 23.86
CA LEU A 243 -6.56 5.09 23.96
C LEU A 243 -5.18 5.54 23.51
N VAL A 244 -5.12 6.31 22.42
CA VAL A 244 -3.86 6.83 21.92
C VAL A 244 -3.24 7.71 23.00
N GLN A 245 -4.03 8.62 23.58
CA GLN A 245 -3.52 9.56 24.57
C GLN A 245 -3.02 8.96 25.88
N CYS A 246 -3.42 7.73 26.19
CA CYS A 246 -2.92 7.09 27.39
C CYS A 246 -1.81 6.05 27.17
N SER A 247 -1.36 5.92 25.91
CA SER A 247 -0.29 4.97 25.52
C SER A 247 1.12 5.58 25.60
N ASP A 248 2.16 4.75 25.63
CA ASP A 248 3.50 5.25 25.42
C ASP A 248 3.89 5.01 23.94
N TYR A 249 3.21 4.06 23.30
CA TYR A 249 3.53 3.60 21.96
C TYR A 249 2.27 2.92 21.44
N VAL A 250 1.93 3.16 20.18
CA VAL A 250 0.73 2.59 19.58
C VAL A 250 1.16 1.58 18.53
N VAL A 251 0.41 0.48 18.41
CA VAL A 251 0.69 -0.61 17.46
C VAL A 251 -0.57 -0.97 16.67
N VAL A 252 -0.51 -0.87 15.34
CA VAL A 252 -1.55 -1.40 14.46
C VAL A 252 -1.29 -2.91 14.27
N ALA A 253 -2.13 -3.72 14.92
CA ALA A 253 -1.98 -5.18 14.86
C ALA A 253 -2.90 -5.66 13.76
N ARG A 254 -2.33 -5.74 12.55
CA ARG A 254 -3.07 -6.00 11.30
C ARG A 254 -3.79 -7.34 11.28
N GLY A 255 -3.07 -8.41 11.66
CA GLY A 255 -3.67 -9.74 11.70
C GLY A 255 -4.94 -9.75 12.53
N ASP A 256 -4.86 -9.23 13.75
CA ASP A 256 -6.00 -9.21 14.64
C ASP A 256 -7.16 -8.31 14.19
N LEU A 257 -6.81 -7.14 13.65
CA LEU A 257 -7.81 -6.18 13.20
C LEU A 257 -8.54 -6.68 11.95
N GLY A 258 -7.84 -7.48 11.16
CA GLY A 258 -8.42 -8.12 9.98
C GLY A 258 -9.60 -9.07 10.26
N LEU A 259 -9.70 -9.56 11.50
CA LEU A 259 -10.86 -10.34 11.94
C LEU A 259 -12.15 -9.53 12.16
N HIS A 260 -12.02 -8.23 12.44
CA HIS A 260 -13.16 -7.38 12.81
C HIS A 260 -13.60 -6.43 11.68
N TYR A 261 -12.80 -6.36 10.62
CA TYR A 261 -13.09 -5.52 9.47
C TYR A 261 -13.00 -6.36 8.20
N GLY A 262 -13.75 -6.00 7.16
CA GLY A 262 -13.53 -6.59 5.83
C GLY A 262 -12.10 -6.33 5.39
N LEU A 263 -11.55 -7.17 4.51
CA LEU A 263 -10.14 -6.96 4.11
C LEU A 263 -9.95 -5.65 3.33
N ASP A 264 -10.99 -5.23 2.63
CA ASP A 264 -11.02 -3.95 1.90
C ASP A 264 -11.18 -2.73 2.82
N ALA A 265 -11.62 -2.95 4.06
CA ALA A 265 -11.87 -1.86 5.01
C ALA A 265 -10.63 -1.50 5.85
N LEU A 266 -9.65 -2.40 5.87
CA LEU A 266 -8.49 -2.26 6.72
C LEU A 266 -7.50 -1.12 6.38
N PRO A 267 -7.27 -0.81 5.08
CA PRO A 267 -6.40 0.35 4.78
C PRO A 267 -6.85 1.67 5.39
N ILE A 268 -8.15 1.95 5.38
CA ILE A 268 -8.66 3.16 6.00
C ILE A 268 -8.50 3.16 7.55
N VAL A 269 -8.68 2.00 8.19
CA VAL A 269 -8.51 1.88 9.64
C VAL A 269 -7.03 2.06 10.03
N GLN A 270 -6.12 1.40 9.33
CA GLN A 270 -4.68 1.62 9.50
C GLN A 270 -4.34 3.11 9.37
N ARG A 271 -4.83 3.75 8.33
CA ARG A 271 -4.56 5.16 8.12
C ARG A 271 -5.07 5.98 9.31
N ARG A 272 -6.29 5.71 9.76
CA ARG A 272 -6.85 6.45 10.89
C ARG A 272 -6.05 6.26 12.20
N ILE A 273 -5.60 5.05 12.48
CA ILE A 273 -4.76 4.82 13.67
C ILE A 273 -3.43 5.61 13.59
N VAL A 274 -2.80 5.55 12.42
CA VAL A 274 -1.51 6.23 12.16
C VAL A 274 -1.66 7.76 12.24
N HIS A 275 -2.65 8.32 11.53
CA HIS A 275 -2.97 9.75 11.62
C HIS A 275 -3.22 10.22 13.08
N THR A 276 -4.01 9.46 13.83
CA THR A 276 -4.29 9.81 15.21
C THR A 276 -3.05 9.77 16.12
N SER A 277 -2.20 8.78 15.95
CA SER A 277 -0.98 8.67 16.76
C SER A 277 -0.01 9.80 16.47
N LEU A 278 0.18 10.13 15.20
CA LEU A 278 1.03 11.24 14.78
C LEU A 278 0.52 12.58 15.32
N LYS A 279 -0.78 12.82 15.18
CA LYS A 279 -1.45 14.01 15.74
C LYS A 279 -1.14 14.22 17.24
N TYR A 280 -1.18 13.13 18.02
CA TYR A 280 -0.96 13.18 19.46
C TYR A 280 0.48 12.92 19.91
N GLY A 281 1.40 12.80 18.96
CA GLY A 281 2.84 12.68 19.26
C GLY A 281 3.19 11.39 19.96
N LYS A 282 2.44 10.33 19.65
CA LYS A 282 2.78 8.98 20.15
C LYS A 282 3.54 8.21 19.08
N PRO A 283 4.65 7.56 19.45
CA PRO A 283 5.28 6.70 18.47
C PRO A 283 4.29 5.60 17.99
N ILE A 284 4.39 5.22 16.72
CA ILE A 284 3.41 4.34 16.07
C ILE A 284 4.13 3.20 15.32
N ALA A 285 3.65 1.98 15.51
CA ALA A 285 4.14 0.81 14.78
C ALA A 285 3.03 0.17 13.95
N VAL A 286 3.44 -0.47 12.86
CA VAL A 286 2.55 -1.39 12.15
C VAL A 286 3.16 -2.79 12.25
N ALA A 287 2.36 -3.74 12.71
CA ALA A 287 2.78 -5.11 13.01
C ALA A 287 1.96 -6.15 12.22
N THR A 288 2.63 -7.25 11.83
CA THR A 288 2.03 -8.46 11.24
C THR A 288 1.64 -8.27 9.78
N GLN A 289 1.76 -9.32 8.97
CA GLN A 289 1.31 -9.29 7.59
C GLN A 289 2.04 -8.24 6.77
N LEU A 290 3.35 -8.13 6.96
CA LEU A 290 4.15 -7.23 6.14
C LEU A 290 4.84 -7.98 5.02
N LEU A 291 5.52 -9.08 5.38
CA LEU A 291 6.28 -9.89 4.42
C LEU A 291 5.86 -11.35 4.57
N ASP A 292 4.56 -11.54 4.68
CA ASP A 292 3.99 -12.84 5.02
C ASP A 292 4.37 -14.00 4.09
N SER A 293 4.38 -13.76 2.77
CA SER A 293 4.75 -14.80 1.81
C SER A 293 6.16 -15.35 2.09
N MET A 294 6.97 -14.59 2.84
CA MET A 294 8.37 -14.94 3.06
C MET A 294 8.60 -16.05 4.08
N GLN A 295 7.53 -16.52 4.70
CA GLN A 295 7.57 -17.74 5.52
C GLN A 295 7.99 -18.94 4.65
N SER A 296 7.64 -18.88 3.36
CA SER A 296 7.88 -19.97 2.41
C SER A 296 8.82 -19.62 1.27
N SER A 297 9.18 -18.35 1.16
CA SER A 297 9.94 -17.87 0.00
C SER A 297 11.03 -16.92 0.48
N PRO A 298 12.22 -16.97 -0.13
CA PRO A 298 13.28 -16.05 0.26
C PRO A 298 13.14 -14.65 -0.39
N ILE A 299 12.13 -14.49 -1.25
CA ILE A 299 11.82 -13.21 -1.90
C ILE A 299 10.35 -12.86 -1.65
N PRO A 300 10.04 -11.59 -1.34
CA PRO A 300 8.61 -11.28 -1.19
C PRO A 300 7.95 -11.05 -2.56
N THR A 301 6.62 -11.03 -2.57
CA THR A 301 5.86 -10.65 -3.74
C THR A 301 5.97 -9.13 -3.95
N ARG A 302 5.75 -8.68 -5.19
CA ARG A 302 5.68 -7.26 -5.55
C ARG A 302 4.67 -6.44 -4.72
N ALA A 303 3.51 -7.03 -4.46
CA ALA A 303 2.48 -6.37 -3.67
C ALA A 303 2.95 -6.11 -2.23
N GLU A 304 3.69 -7.07 -1.67
CA GLU A 304 4.26 -6.92 -0.32
C GLU A 304 5.31 -5.84 -0.25
N ILE A 305 6.13 -5.72 -1.29
CA ILE A 305 7.06 -4.60 -1.41
C ILE A 305 6.32 -3.25 -1.46
N ASN A 306 5.33 -3.11 -2.34
CA ASN A 306 4.53 -1.89 -2.35
C ASN A 306 3.86 -1.59 -0.98
N ASP A 307 3.30 -2.61 -0.34
CA ASP A 307 2.68 -2.51 1.02
C ASP A 307 3.64 -1.93 2.08
N VAL A 308 4.82 -2.53 2.21
CA VAL A 308 5.84 -2.04 3.12
C VAL A 308 6.28 -0.63 2.74
N PHE A 309 6.48 -0.40 1.43
CA PHE A 309 6.95 0.89 0.96
C PHE A 309 5.91 1.97 1.39
N THR A 310 4.64 1.75 1.11
CA THR A 310 3.63 2.77 1.41
C THR A 310 3.29 2.93 2.91
N THR A 311 3.28 1.83 3.65
CA THR A 311 3.14 1.91 5.11
C THR A 311 4.26 2.77 5.73
N ALA A 312 5.51 2.49 5.37
CA ALA A 312 6.65 3.30 5.83
C ALA A 312 6.56 4.79 5.43
N SER A 313 6.11 5.06 4.20
CA SER A 313 5.90 6.44 3.70
C SER A 313 4.98 7.31 4.53
N MET A 314 4.01 6.68 5.18
CA MET A 314 3.06 7.39 6.05
C MET A 314 3.78 8.02 7.23
N GLY A 315 5.00 7.55 7.50
CA GLY A 315 5.82 8.11 8.58
C GLY A 315 5.71 7.39 9.91
N VAL A 316 5.39 6.10 9.90
CA VAL A 316 5.41 5.29 11.14
C VAL A 316 6.82 5.22 11.72
N ASP A 317 6.93 5.09 13.05
CA ASP A 317 8.23 4.95 13.71
C ASP A 317 8.89 3.60 13.40
N SER A 318 8.10 2.54 13.37
CA SER A 318 8.63 1.17 13.17
C SER A 318 7.68 0.19 12.46
N LEU A 319 8.27 -0.87 11.91
CA LEU A 319 7.57 -2.00 11.31
C LEU A 319 8.03 -3.28 12.00
N TRP A 320 7.07 -4.11 12.39
CA TRP A 320 7.36 -5.29 13.19
C TRP A 320 7.06 -6.54 12.39
N LEU A 321 8.08 -7.34 12.11
CA LEU A 321 7.88 -8.67 11.55
C LEU A 321 7.52 -9.65 12.65
N THR A 322 6.57 -10.54 12.36
CA THR A 322 6.16 -11.53 13.35
C THR A 322 6.51 -12.95 12.90
N ASN A 323 5.57 -13.67 12.29
CA ASN A 323 5.79 -15.04 11.81
C ASN A 323 6.93 -15.18 10.84
N GLU A 324 7.12 -14.16 10.00
CA GLU A 324 8.16 -14.06 8.98
C GLU A 324 9.54 -14.38 9.54
N THR A 325 9.75 -14.05 10.81
CA THR A 325 11.02 -14.30 11.46
C THR A 325 10.92 -15.34 12.60
N ALA A 326 9.75 -15.40 13.25
CA ALA A 326 9.55 -16.27 14.39
C ALA A 326 9.57 -17.76 14.01
N SER A 327 8.83 -18.11 12.96
CA SER A 327 8.56 -19.51 12.63
C SER A 327 8.79 -19.86 11.16
N GLY A 328 9.06 -18.84 10.35
CA GLY A 328 9.28 -19.00 8.92
C GLY A 328 10.62 -19.59 8.51
N LYS A 329 10.75 -19.88 7.23
CA LYS A 329 11.88 -20.63 6.72
C LYS A 329 13.06 -19.74 6.37
N TYR A 330 12.81 -18.44 6.26
CA TYR A 330 13.87 -17.49 5.85
C TYR A 330 13.97 -16.25 6.74
N PRO A 331 14.18 -16.42 8.06
CA PRO A 331 14.23 -15.26 8.97
C PRO A 331 15.19 -14.16 8.52
N LEU A 332 16.36 -14.55 8.02
CA LEU A 332 17.37 -13.60 7.55
C LEU A 332 16.97 -12.88 6.27
N ALA A 333 16.44 -13.59 5.29
CA ALA A 333 15.97 -12.94 4.06
C ALA A 333 14.88 -11.92 4.36
N ALA A 334 14.04 -12.25 5.34
CA ALA A 334 12.91 -11.41 5.74
C ALA A 334 13.36 -10.06 6.29
N VAL A 335 14.28 -10.04 7.25
CA VAL A 335 14.83 -8.78 7.77
C VAL A 335 15.69 -8.04 6.76
N SER A 336 16.34 -8.80 5.88
CA SER A 336 17.19 -8.24 4.85
C SER A 336 16.33 -7.48 3.84
N TRP A 337 15.25 -8.09 3.38
CA TRP A 337 14.28 -7.44 2.49
C TRP A 337 13.54 -6.24 3.12
N LEU A 338 13.18 -6.35 4.40
CA LEU A 338 12.60 -5.22 5.15
C LEU A 338 13.48 -3.96 5.07
N SER A 339 14.75 -4.14 5.44
CA SER A 339 15.73 -3.07 5.52
C SER A 339 16.05 -2.47 4.16
N ARG A 340 16.16 -3.35 3.15
CA ARG A 340 16.40 -2.96 1.77
C ARG A 340 15.26 -2.07 1.23
N ILE A 341 14.01 -2.51 1.42
CA ILE A 341 12.83 -1.71 1.00
C ILE A 341 12.81 -0.33 1.65
N LEU A 342 13.15 -0.28 2.93
CA LEU A 342 13.13 0.97 3.70
C LEU A 342 14.14 1.99 3.17
N MET A 343 15.30 1.49 2.72
CA MET A 343 16.33 2.33 2.15
C MET A 343 15.85 3.04 0.89
N ASN A 344 14.77 2.54 0.29
CA ASN A 344 14.20 3.15 -0.90
C ASN A 344 13.09 4.15 -0.63
N VAL A 345 12.58 4.16 0.60
CA VAL A 345 11.37 4.94 0.92
C VAL A 345 11.54 6.46 0.74
N GLU A 346 10.58 7.10 0.07
CA GLU A 346 10.49 8.55 0.19
C GLU A 346 9.20 8.84 0.95
N TYR A 347 9.32 9.72 1.92
CA TYR A 347 8.29 9.89 2.93
C TYR A 347 7.34 10.97 2.49
N GLN A 348 6.05 10.70 2.66
CA GLN A 348 5.07 11.71 2.32
C GLN A 348 4.70 12.52 3.53
N ILE A 349 4.95 13.83 3.44
CA ILE A 349 4.69 14.80 4.52
C ILE A 349 3.68 14.28 5.57
N PRO A 350 4.19 13.90 6.74
CA PRO A 350 3.33 13.29 7.75
C PRO A 350 2.43 14.30 8.47
N GLN A 351 1.32 13.80 9.00
CA GLN A 351 0.51 14.51 10.00
C GLN A 351 1.43 15.17 11.06
N SER A 352 1.24 16.47 11.27
CA SER A 352 2.00 17.21 12.30
C SER A 352 1.37 16.97 13.67
N PRO A 353 2.19 16.81 14.72
CA PRO A 353 1.58 16.73 16.04
C PRO A 353 1.03 18.08 16.53
N LEU A 354 0.02 18.00 17.39
CA LEU A 354 -0.49 19.14 18.13
C LEU A 354 0.61 19.77 19.01
N LEU A 355 0.59 21.09 19.08
CA LEU A 355 1.50 21.84 19.95
C LEU A 355 0.75 22.07 21.24
N GLN A 356 1.23 21.48 22.32
CA GLN A 356 0.51 21.58 23.58
C GLN A 356 1.26 22.37 24.65
N ASN A 357 2.52 22.68 24.38
CA ASN A 357 3.28 23.59 25.25
C ASN A 357 4.42 24.31 24.55
N SER A 358 5.19 25.05 25.34
CA SER A 358 6.33 25.82 24.88
C SER A 358 7.44 24.91 24.39
N ARG A 359 7.62 23.78 25.06
CA ARG A 359 8.67 22.84 24.68
C ARG A 359 8.40 22.26 23.29
N ASP A 360 7.13 22.03 22.98
CA ASP A 360 6.71 21.59 21.65
C ASP A 360 7.08 22.62 20.60
N ARG A 361 6.76 23.90 20.84
CA ARG A 361 7.10 25.00 19.92
C ARG A 361 8.62 25.06 19.73
N PHE A 362 9.38 24.94 20.81
CA PHE A 362 10.85 24.89 20.72
C PHE A 362 11.33 23.77 19.79
N ALA A 363 10.84 22.55 20.03
CA ALA A 363 11.29 21.36 19.26
C ALA A 363 10.92 21.44 17.76
N LYS A 364 9.68 21.84 17.49
CA LYS A 364 9.22 22.11 16.13
C LYS A 364 10.12 23.14 15.41
N GLY A 365 10.40 24.25 16.08
CA GLY A 365 11.24 25.32 15.54
C GLY A 365 12.64 24.82 15.22
N LEU A 366 13.21 24.02 16.11
CA LEU A 366 14.48 23.33 15.87
C LEU A 366 14.49 22.41 14.64
N VAL A 367 13.45 21.61 14.50
CA VAL A 367 13.36 20.63 13.40
C VAL A 367 13.26 21.37 12.05
N GLU A 368 12.42 22.39 11.99
CA GLU A 368 12.25 23.21 10.78
C GLU A 368 13.51 23.99 10.47
N LEU A 369 14.20 24.45 11.50
CA LEU A 369 15.47 25.12 11.30
C LEU A 369 16.47 24.15 10.69
N ALA A 370 16.66 22.98 11.31
CA ALA A 370 17.60 22.01 10.75
C ALA A 370 17.25 21.63 9.31
N GLN A 371 15.95 21.51 9.02
CA GLN A 371 15.45 21.25 7.67
C GLN A 371 15.89 22.37 6.70
N ASP A 372 15.68 23.63 7.11
CA ASP A 372 16.10 24.80 6.34
C ASP A 372 17.60 24.92 6.09
N LEU A 373 18.42 24.47 7.04
CA LEU A 373 19.87 24.58 6.90
C LEU A 373 20.50 23.33 6.32
N GLY A 374 19.68 22.31 6.05
CA GLY A 374 20.17 21.01 5.62
C GLY A 374 21.02 20.32 6.66
N ALA A 375 20.65 20.49 7.93
CA ALA A 375 21.50 20.11 9.06
C ALA A 375 21.06 18.83 9.78
N ASN A 376 22.01 18.09 10.35
CA ASN A 376 21.66 17.02 11.27
C ASN A 376 21.42 17.54 12.68
N ILE A 377 20.46 16.92 13.35
CA ILE A 377 20.15 17.23 14.74
C ILE A 377 20.88 16.28 15.66
N LEU A 378 21.50 16.88 16.68
CA LEU A 378 22.15 16.16 17.76
C LEU A 378 21.45 16.56 19.05
N VAL A 379 21.14 15.60 19.92
CA VAL A 379 20.47 15.87 21.19
C VAL A 379 21.20 15.17 22.31
N PHE A 380 21.46 15.90 23.40
CA PHE A 380 21.84 15.25 24.65
C PHE A 380 20.64 15.19 25.60
N SER A 381 20.32 13.96 25.98
CA SER A 381 19.06 13.66 26.62
C SER A 381 19.29 12.69 27.77
N MET A 382 18.88 13.09 28.97
CA MET A 382 19.04 12.27 30.18
C MET A 382 18.07 11.09 30.22
N SER A 383 16.79 11.37 29.98
CA SER A 383 15.74 10.36 30.07
C SER A 383 15.09 10.01 28.73
N GLY A 384 15.55 10.65 27.65
CA GLY A 384 14.92 10.49 26.34
C GLY A 384 13.81 11.48 25.99
N THR A 385 13.47 12.38 26.91
CA THR A 385 12.32 13.30 26.73
C THR A 385 12.43 14.27 25.51
N LEU A 386 13.53 14.99 25.39
CA LEU A 386 13.67 15.94 24.29
C LEU A 386 13.86 15.18 22.99
N ALA A 387 14.57 14.05 23.05
CA ALA A 387 14.84 13.26 21.84
C ALA A 387 13.53 12.81 21.20
N ARG A 388 12.65 12.24 22.01
CA ARG A 388 11.28 11.93 21.60
C ARG A 388 10.46 13.13 21.11
N ARG A 389 10.57 14.26 21.80
CA ARG A 389 9.82 15.43 21.36
C ARG A 389 10.30 15.91 19.96
N ILE A 390 11.59 15.79 19.69
CA ILE A 390 12.12 16.12 18.36
C ILE A 390 11.61 15.15 17.32
N ALA A 391 11.70 13.85 17.64
CA ALA A 391 11.29 12.79 16.70
C ALA A 391 9.85 12.91 16.22
N LYS A 392 8.96 13.35 17.10
CA LYS A 392 7.53 13.37 16.74
C LYS A 392 7.23 14.37 15.66
N PHE A 393 8.15 15.34 15.46
CA PHE A 393 7.97 16.31 14.38
C PHE A 393 8.60 15.81 13.11
N ARG A 394 9.10 14.58 13.11
CA ARG A 394 9.51 13.89 11.88
C ARG A 394 10.66 14.60 11.13
N PRO A 395 11.80 14.79 11.82
CA PRO A 395 12.99 15.30 11.09
C PRO A 395 13.37 14.31 9.99
N ARG A 396 13.93 14.81 8.89
CA ARG A 396 14.05 14.02 7.68
C ARG A 396 15.41 13.36 7.56
N GLY A 397 16.23 13.51 8.59
CA GLY A 397 17.55 12.88 8.63
C GLY A 397 17.74 12.28 9.99
N VAL A 398 18.77 11.47 10.13
CA VAL A 398 19.13 10.85 11.41
C VAL A 398 19.34 11.87 12.53
N VAL A 399 18.85 11.53 13.72
CA VAL A 399 19.00 12.33 14.92
C VAL A 399 19.90 11.56 15.87
N TYR A 400 21.11 12.07 16.07
CA TYR A 400 22.06 11.46 17.00
C TYR A 400 21.70 11.87 18.42
N VAL A 401 21.52 10.88 19.28
CA VAL A 401 21.15 11.17 20.65
C VAL A 401 22.19 10.61 21.59
N GLY A 402 22.83 11.47 22.36
CA GLY A 402 23.74 11.02 23.39
C GLY A 402 22.93 10.90 24.66
N THR A 403 23.16 9.82 25.40
CA THR A 403 22.56 9.63 26.72
C THR A 403 23.52 8.90 27.69
N PRO A 404 23.49 9.24 28.99
CA PRO A 404 24.33 8.46 29.93
C PRO A 404 23.66 7.20 30.48
N ASN A 405 22.42 6.95 30.07
N ASN A 405 22.44 6.93 30.02
CA ASN A 405 21.64 5.82 30.54
CA ASN A 405 21.67 5.82 30.54
C ASN A 405 21.46 4.81 29.40
C ASN A 405 21.41 4.80 29.43
N VAL A 406 21.98 3.61 29.59
CA VAL A 406 21.90 2.56 28.57
C VAL A 406 20.45 2.13 28.34
N ARG A 407 19.64 2.15 29.39
CA ARG A 407 18.22 1.84 29.28
C ARG A 407 17.43 2.87 28.44
N VAL A 408 17.82 4.13 28.50
CA VAL A 408 17.27 5.16 27.61
C VAL A 408 17.69 4.92 26.16
N ALA A 409 18.97 4.61 25.93
CA ALA A 409 19.42 4.30 24.57
C ALA A 409 18.60 3.19 23.92
N ARG A 410 18.33 2.14 24.69
CA ARG A 410 17.55 1.00 24.21
C ARG A 410 16.10 1.38 23.87
N SER A 411 15.51 2.23 24.69
CA SER A 411 14.14 2.67 24.49
C SER A 411 14.01 3.42 23.15
N LEU A 412 15.00 4.26 22.85
CA LEU A 412 14.95 5.18 21.70
C LEU A 412 15.29 4.50 20.37
N SER A 413 15.80 3.27 20.49
CA SER A 413 16.18 2.47 19.34
C SER A 413 15.05 2.24 18.32
N ILE A 414 13.80 2.23 18.78
CA ILE A 414 12.65 2.01 17.93
C ILE A 414 11.79 3.26 17.71
N VAL A 415 12.34 4.43 18.05
CA VAL A 415 11.70 5.71 17.78
C VAL A 415 12.25 6.25 16.44
N TRP A 416 11.35 6.79 15.62
CA TRP A 416 11.69 7.45 14.33
C TRP A 416 13.00 8.26 14.32
N ALA A 417 13.90 7.88 13.40
CA ALA A 417 15.14 8.62 13.06
C ALA A 417 16.25 8.61 14.09
N LEU A 418 15.95 8.17 15.31
CA LEU A 418 16.90 8.31 16.40
C LEU A 418 18.04 7.32 16.33
N GLU A 419 19.24 7.84 16.50
CA GLU A 419 20.42 6.99 16.67
C GLU A 419 21.02 7.19 18.05
N PRO A 420 20.63 6.33 19.00
CA PRO A 420 21.07 6.48 20.37
C PRO A 420 22.48 5.96 20.62
N LEU A 421 23.27 6.80 21.28
CA LEU A 421 24.67 6.56 21.56
C LEU A 421 24.87 6.64 23.07
N TYR A 422 25.46 5.61 23.65
CA TYR A 422 25.80 5.62 25.06
C TYR A 422 27.00 6.53 25.26
N ILE A 423 26.79 7.63 25.99
CA ILE A 423 27.83 8.62 26.30
C ILE A 423 27.74 9.04 27.77
N PRO A 424 28.63 8.49 28.64
CA PRO A 424 28.75 8.94 30.03
C PRO A 424 29.18 10.41 30.09
N ALA A 425 28.50 11.19 30.95
CA ALA A 425 28.76 12.64 31.09
C ALA A 425 28.25 13.16 32.42
N GLU A 426 28.89 14.22 32.93
CA GLU A 426 28.61 14.69 34.29
C GLU A 426 27.41 15.61 34.32
N ASN A 427 27.16 16.25 33.18
CA ASN A 427 26.11 17.24 33.04
C ASN A 427 25.82 17.42 31.55
N TYR A 428 24.82 18.25 31.26
CA TYR A 428 24.34 18.43 29.91
C TYR A 428 25.41 19.01 29.00
N GLU A 429 26.05 20.09 29.48
CA GLU A 429 27.04 20.81 28.70
C GLU A 429 28.22 19.92 28.29
N GLU A 430 28.70 19.09 29.22
CA GLU A 430 29.77 18.14 28.92
C GLU A 430 29.28 17.03 27.96
N GLY A 431 28.07 16.54 28.19
CA GLY A 431 27.46 15.58 27.30
C GLY A 431 27.33 16.08 25.87
N LEU A 432 26.81 17.29 25.70
CA LEU A 432 26.64 17.86 24.36
C LEU A 432 27.98 18.06 23.64
N GLU A 433 29.02 18.48 24.36
CA GLU A 433 30.30 18.70 23.72
C GLU A 433 30.97 17.38 23.29
N LYS A 434 30.84 16.32 24.08
CA LYS A 434 31.25 14.97 23.65
C LYS A 434 30.48 14.47 22.41
N LEU A 435 29.17 14.71 22.38
CA LEU A 435 28.37 14.38 21.20
C LEU A 435 28.75 15.21 19.97
N ILE A 436 29.01 16.50 20.14
CA ILE A 436 29.42 17.35 19.02
C ILE A 436 30.79 16.90 18.51
N SER A 437 31.69 16.52 19.42
CA SER A 437 33.00 16.04 19.03
C SER A 437 32.85 14.82 18.16
N LEU A 438 31.97 13.92 18.60
CA LEU A 438 31.76 12.64 17.95
C LEU A 438 30.95 12.74 16.65
N LYS A 439 29.89 13.53 16.62
CA LYS A 439 28.96 13.52 15.46
C LYS A 439 28.77 14.87 14.78
N GLY A 440 29.72 15.78 15.00
CA GLY A 440 29.55 17.17 14.59
C GLY A 440 30.00 17.51 13.20
N THR A 441 29.55 16.73 12.22
CA THR A 441 29.68 17.12 10.81
C THR A 441 28.68 18.24 10.45
N THR A 442 29.15 19.12 9.57
CA THR A 442 28.51 20.38 9.28
C THR A 442 27.62 20.24 8.05
N PRO A 443 26.41 20.85 8.06
CA PRO A 443 25.81 21.60 9.17
C PRO A 443 25.23 20.74 10.31
N PHE A 444 25.27 21.28 11.52
CA PHE A 444 24.55 20.65 12.65
C PHE A 444 23.76 21.65 13.51
N VAL A 445 22.72 21.13 14.15
CA VAL A 445 21.93 21.78 15.18
C VAL A 445 21.95 20.86 16.38
N ALA A 446 22.68 21.26 17.43
CA ALA A 446 22.87 20.44 18.62
C ALA A 446 22.17 21.07 19.83
N THR A 447 21.37 20.28 20.56
CA THR A 447 20.63 20.78 21.75
C THR A 447 20.61 19.89 22.98
N TYR A 448 20.29 20.53 24.09
CA TYR A 448 19.71 19.87 25.24
C TYR A 448 18.71 20.82 25.90
N GLY A 449 17.82 20.26 26.73
CA GLY A 449 17.00 21.10 27.56
C GLY A 449 15.93 20.38 28.33
N ILE A 450 15.79 20.73 29.60
CA ILE A 450 14.74 20.16 30.46
C ILE A 450 13.78 21.24 30.91
N ARG A 451 12.54 20.82 31.22
CA ARG A 451 11.52 21.72 31.75
C ARG A 451 12.06 22.55 32.91
N GLY A 452 11.84 23.85 32.84
CA GLY A 452 12.33 24.78 33.85
C GLY A 452 13.79 25.21 33.74
N GLY A 453 14.56 24.60 32.83
CA GLY A 453 15.98 24.96 32.67
C GLY A 453 16.29 25.76 31.41
N VAL A 454 17.53 26.21 31.29
CA VAL A 454 18.02 26.79 30.03
C VAL A 454 18.07 25.70 28.97
N HIS A 455 17.43 25.94 27.82
CA HIS A 455 17.63 25.13 26.64
C HIS A 455 18.81 25.72 25.86
N SER A 456 19.71 24.86 25.44
CA SER A 456 20.92 25.30 24.75
C SER A 456 20.92 24.76 23.34
N VAL A 457 21.33 25.59 22.38
CA VAL A 457 21.43 25.18 20.98
C VAL A 457 22.80 25.66 20.50
N LYS A 458 23.56 24.76 19.88
CA LYS A 458 24.81 25.11 19.17
C LYS A 458 24.54 24.86 17.69
N VAL A 459 24.71 25.86 16.85
CA VAL A 459 24.40 25.72 15.43
C VAL A 459 25.67 25.96 14.61
N LYS A 460 26.09 24.98 13.81
CA LYS A 460 27.11 25.23 12.82
C LYS A 460 26.50 25.12 11.42
N LEU A 461 26.53 26.23 10.70
CA LEU A 461 25.84 26.35 9.42
C LEU A 461 26.69 25.81 8.26
N ASN B 15 -17.82 6.68 -7.66
CA ASN B 15 -16.51 6.05 -8.12
C ASN B 15 -15.69 6.93 -9.10
N LEU B 16 -14.54 7.40 -8.61
CA LEU B 16 -13.80 8.43 -9.31
C LEU B 16 -12.64 7.87 -10.09
N THR B 17 -12.04 6.81 -9.54
CA THR B 17 -10.98 6.06 -10.21
C THR B 17 -11.64 5.08 -11.17
N LYS B 18 -11.20 5.09 -12.42
CA LYS B 18 -11.85 4.30 -13.47
C LYS B 18 -11.26 2.92 -13.60
N ARG B 19 -12.07 1.99 -14.08
CA ARG B 19 -11.73 0.56 -14.06
C ARG B 19 -11.66 0.00 -15.48
N VAL B 20 -10.50 -0.53 -15.83
CA VAL B 20 -10.27 -1.09 -17.14
C VAL B 20 -9.94 -2.58 -16.98
N ALA B 21 -10.61 -3.44 -17.75
CA ALA B 21 -10.28 -4.88 -17.80
C ALA B 21 -9.85 -5.29 -19.21
N THR B 22 -8.91 -6.23 -19.28
CA THR B 22 -8.54 -6.84 -20.55
C THR B 22 -9.42 -8.05 -20.92
N LEU B 23 -9.90 -8.07 -22.16
CA LEU B 23 -10.66 -9.19 -22.66
C LEU B 23 -9.71 -10.25 -23.21
N GLY B 24 -10.09 -11.52 -23.04
CA GLY B 24 -9.28 -12.61 -23.57
C GLY B 24 -10.10 -13.87 -23.57
N PRO B 25 -9.43 -15.04 -23.70
CA PRO B 25 -10.12 -16.34 -23.60
C PRO B 25 -11.14 -16.40 -22.46
N SER B 26 -10.79 -15.95 -21.25
CA SER B 26 -11.69 -16.09 -20.07
C SER B 26 -12.94 -15.23 -20.11
N THR B 27 -12.86 -14.08 -20.79
CA THR B 27 -14.04 -13.25 -20.94
C THR B 27 -14.87 -13.73 -22.12
N ASP B 28 -14.21 -14.28 -23.14
CA ASP B 28 -14.93 -14.86 -24.30
C ASP B 28 -15.94 -15.93 -23.90
N VAL B 29 -15.53 -16.83 -23.02
CA VAL B 29 -16.34 -17.99 -22.63
C VAL B 29 -17.48 -17.65 -21.67
N LEU B 30 -17.60 -16.39 -21.27
CA LEU B 30 -18.62 -16.03 -20.29
C LEU B 30 -20.01 -16.13 -20.85
N ARG B 31 -20.91 -16.77 -20.10
CA ARG B 31 -22.33 -16.84 -20.47
C ARG B 31 -22.92 -15.43 -20.47
N PRO B 32 -23.96 -15.18 -21.31
CA PRO B 32 -24.62 -13.86 -21.43
C PRO B 32 -24.84 -13.07 -20.11
N ASP B 33 -25.42 -13.71 -19.10
CA ASP B 33 -25.65 -13.04 -17.81
C ASP B 33 -24.38 -12.70 -17.05
N GLU B 34 -23.37 -13.56 -17.17
CA GLU B 34 -22.08 -13.33 -16.54
C GLU B 34 -21.30 -12.21 -17.21
N LEU B 35 -21.44 -12.09 -18.52
CA LEU B 35 -20.79 -11.05 -19.28
C LEU B 35 -21.35 -9.67 -18.92
N ILE B 36 -22.68 -9.61 -18.72
CA ILE B 36 -23.35 -8.39 -18.23
C ILE B 36 -22.81 -7.97 -16.86
N LYS B 37 -22.71 -8.90 -15.92
CA LYS B 37 -22.16 -8.64 -14.58
C LYS B 37 -20.71 -8.16 -14.67
N PHE B 38 -19.93 -8.73 -15.58
CA PHE B 38 -18.54 -8.30 -15.81
C PHE B 38 -18.43 -6.85 -16.35
N LEU B 39 -19.20 -6.54 -17.38
CA LEU B 39 -19.10 -5.24 -18.04
C LEU B 39 -19.71 -4.12 -17.21
N ASP B 40 -20.65 -4.49 -16.34
CA ASP B 40 -21.21 -3.58 -15.34
C ASP B 40 -20.16 -3.06 -14.36
N LEU B 41 -19.01 -3.72 -14.29
CA LEU B 41 -17.97 -3.38 -13.28
C LEU B 41 -16.71 -2.76 -13.87
N VAL B 42 -16.78 -2.32 -15.12
CA VAL B 42 -15.65 -1.67 -15.78
C VAL B 42 -16.10 -0.38 -16.44
N ASP B 43 -15.16 0.53 -16.68
CA ASP B 43 -15.43 1.76 -17.44
C ASP B 43 -14.80 1.72 -18.83
N GLY B 44 -13.85 0.80 -19.02
CA GLY B 44 -13.25 0.59 -20.34
C GLY B 44 -12.73 -0.82 -20.50
N VAL B 45 -12.36 -1.18 -21.72
CA VAL B 45 -11.82 -2.51 -22.01
C VAL B 45 -10.57 -2.38 -22.85
N ARG B 46 -9.64 -3.32 -22.64
CA ARG B 46 -8.38 -3.39 -23.34
C ARG B 46 -8.35 -4.70 -24.18
N ILE B 47 -7.88 -4.57 -25.42
CA ILE B 47 -7.61 -5.73 -26.24
C ILE B 47 -6.15 -5.65 -26.63
N ASN B 48 -5.43 -6.73 -26.37
CA ASN B 48 -4.01 -6.87 -26.68
C ASN B 48 -3.82 -7.44 -28.08
N LEU B 49 -3.36 -6.61 -29.02
CA LEU B 49 -3.22 -7.00 -30.43
C LEU B 49 -2.09 -8.00 -30.67
N ALA B 50 -1.16 -8.06 -29.72
CA ALA B 50 -0.18 -9.14 -29.68
C ALA B 50 -0.85 -10.52 -29.67
N HIS B 51 -1.91 -10.68 -28.90
CA HIS B 51 -2.52 -11.99 -28.69
C HIS B 51 -3.81 -12.26 -29.46
N ALA B 52 -4.61 -11.22 -29.69
CA ALA B 52 -5.90 -11.40 -30.36
C ALA B 52 -5.75 -11.51 -31.88
N SER B 53 -6.51 -12.42 -32.49
CA SER B 53 -6.69 -12.41 -33.94
C SER B 53 -7.66 -11.29 -34.33
N PRO B 54 -7.53 -10.76 -35.58
CA PRO B 54 -8.51 -9.80 -36.12
C PRO B 54 -9.97 -10.13 -35.82
N ASN B 55 -10.35 -11.41 -35.89
CA ASN B 55 -11.74 -11.82 -35.62
C ASN B 55 -12.10 -11.91 -34.13
N GLU B 56 -11.11 -12.14 -33.27
CA GLU B 56 -11.30 -12.01 -31.81
C GLU B 56 -11.49 -10.54 -31.47
N VAL B 57 -10.68 -9.68 -32.10
CA VAL B 57 -10.85 -8.23 -31.99
C VAL B 57 -12.26 -7.81 -32.40
N LYS B 58 -12.72 -8.28 -33.55
CA LYS B 58 -14.06 -7.91 -34.03
C LYS B 58 -15.16 -8.38 -33.08
N PHE B 59 -15.10 -9.64 -32.69
CA PHE B 59 -16.13 -10.24 -31.83
C PHE B 59 -16.22 -9.56 -30.45
N ARG B 60 -15.07 -9.19 -29.90
CA ARG B 60 -14.99 -8.56 -28.58
C ARG B 60 -15.45 -7.10 -28.59
N ILE B 61 -15.15 -6.36 -29.65
CA ILE B 61 -15.65 -5.01 -29.80
C ILE B 61 -17.17 -5.01 -30.00
N GLU B 62 -17.67 -5.91 -30.86
CA GLU B 62 -19.10 -6.06 -31.07
C GLU B 62 -19.86 -6.39 -29.77
N ALA B 63 -19.33 -7.31 -28.96
CA ALA B 63 -19.91 -7.64 -27.65
C ALA B 63 -19.98 -6.39 -26.73
N VAL B 64 -18.91 -5.60 -26.73
CA VAL B 64 -18.81 -4.38 -25.92
C VAL B 64 -19.82 -3.29 -26.33
N ARG B 65 -19.91 -3.04 -27.64
CA ARG B 65 -20.80 -2.02 -28.18
C ARG B 65 -22.27 -2.45 -28.06
N SER B 66 -22.50 -3.74 -28.20
CA SER B 66 -23.80 -4.32 -27.98
C SER B 66 -24.26 -4.14 -26.52
N TYR B 67 -23.39 -4.44 -25.55
CA TYR B 67 -23.69 -4.16 -24.13
C TYR B 67 -23.95 -2.66 -23.89
N GLU B 68 -23.09 -1.83 -24.47
CA GLU B 68 -23.13 -0.39 -24.27
C GLU B 68 -24.47 0.20 -24.73
N LYS B 69 -24.96 -0.27 -25.87
CA LYS B 69 -26.25 0.13 -26.43
C LYS B 69 -27.41 -0.32 -25.54
N ALA B 70 -27.38 -1.60 -25.12
CA ALA B 70 -28.39 -2.14 -24.21
C ALA B 70 -28.45 -1.43 -22.86
N LYS B 71 -27.30 -1.22 -22.21
CA LYS B 71 -27.27 -0.63 -20.88
C LYS B 71 -27.16 0.90 -20.88
N ASN B 72 -27.09 1.49 -22.08
CA ASN B 72 -26.90 2.93 -22.21
C ASN B 72 -25.67 3.45 -21.44
N ARG B 73 -24.56 2.71 -21.48
CA ARG B 73 -23.31 3.20 -20.89
C ARG B 73 -22.03 3.09 -21.73
N PRO B 74 -21.50 4.26 -22.12
CA PRO B 74 -20.32 4.39 -22.99
C PRO B 74 -19.15 3.73 -22.30
N LEU B 75 -18.35 2.99 -23.05
CA LEU B 75 -17.19 2.31 -22.53
C LEU B 75 -16.07 2.64 -23.50
N ALA B 76 -14.87 2.89 -22.97
CA ALA B 76 -13.69 3.09 -23.82
C ALA B 76 -13.19 1.74 -24.29
N VAL B 77 -12.83 1.67 -25.57
CA VAL B 77 -12.12 0.55 -26.13
C VAL B 77 -10.66 0.94 -26.36
N ILE B 78 -9.76 0.26 -25.66
CA ILE B 78 -8.33 0.47 -25.74
C ILE B 78 -7.74 -0.69 -26.51
N VAL B 79 -6.94 -0.38 -27.52
CA VAL B 79 -6.23 -1.36 -28.30
C VAL B 79 -4.73 -1.21 -27.99
N ASP B 80 -4.09 -2.32 -27.61
CA ASP B 80 -2.71 -2.31 -27.12
C ASP B 80 -1.76 -2.87 -28.20
N LEU B 81 -0.82 -2.05 -28.67
CA LEU B 81 0.11 -2.45 -29.71
C LEU B 81 1.35 -3.15 -29.16
N LYS B 82 1.76 -4.22 -29.86
CA LYS B 82 2.96 -5.03 -29.54
C LYS B 82 4.23 -4.18 -29.44
N GLY B 83 4.47 -3.32 -30.41
CA GLY B 83 5.62 -2.44 -30.38
C GLY B 83 6.88 -3.06 -30.99
N PRO B 84 7.95 -2.26 -31.09
CA PRO B 84 9.22 -2.67 -31.71
C PRO B 84 10.06 -3.59 -30.79
N SER B 85 9.50 -4.69 -30.35
CA SER B 85 10.26 -5.59 -29.47
C SER B 85 11.09 -6.58 -30.29
N ILE B 86 12.18 -7.06 -29.72
CA ILE B 86 13.00 -8.09 -30.35
C ILE B 86 12.51 -9.48 -29.93
N ARG B 87 12.13 -10.27 -30.93
CA ARG B 87 11.61 -11.62 -30.73
C ARG B 87 12.70 -12.65 -31.01
N VAL B 96 17.49 -25.56 -21.86
CA VAL B 96 18.19 -24.60 -21.01
C VAL B 96 18.40 -25.16 -19.60
N GLN B 97 19.66 -25.20 -19.16
CA GLN B 97 20.01 -25.69 -17.82
C GLN B 97 20.73 -24.63 -16.99
N GLU B 98 20.58 -24.71 -15.66
CA GLU B 98 21.23 -23.80 -14.72
C GLU B 98 22.76 -23.89 -14.81
N GLY B 99 23.38 -22.89 -15.45
CA GLY B 99 24.84 -22.80 -15.57
C GLY B 99 25.35 -22.91 -17.00
N GLU B 100 24.49 -23.40 -17.90
CA GLU B 100 24.84 -23.64 -19.30
C GLU B 100 25.43 -22.41 -20.00
N VAL B 101 26.26 -22.66 -21.01
CA VAL B 101 26.70 -21.60 -21.92
C VAL B 101 25.82 -21.60 -23.18
N VAL B 102 24.93 -20.61 -23.26
CA VAL B 102 23.93 -20.49 -24.33
C VAL B 102 24.38 -19.48 -25.40
N LYS B 103 24.10 -19.80 -26.67
CA LYS B 103 24.45 -18.95 -27.81
C LYS B 103 23.22 -18.34 -28.49
N PHE B 104 23.41 -17.21 -29.18
CA PHE B 104 22.36 -16.55 -29.94
C PHE B 104 22.89 -16.14 -31.32
N LYS B 105 22.07 -16.24 -32.35
CA LYS B 105 22.51 -15.91 -33.71
C LYS B 105 21.46 -15.18 -34.56
N LEU B 106 21.94 -14.54 -35.62
CA LEU B 106 21.07 -13.95 -36.64
C LEU B 106 20.52 -15.04 -37.56
N VAL B 117 17.58 -14.96 -33.30
CA VAL B 117 17.45 -13.52 -33.16
C VAL B 117 17.58 -12.83 -34.53
N PRO B 118 16.42 -12.53 -35.16
CA PRO B 118 16.39 -11.95 -36.52
C PRO B 118 16.79 -10.47 -36.60
N ASN B 119 16.89 -9.80 -35.45
CA ASN B 119 17.16 -8.35 -35.43
C ASN B 119 18.58 -7.99 -35.02
N LYS B 120 19.22 -7.15 -35.83
CA LYS B 120 20.59 -6.70 -35.61
C LYS B 120 20.75 -5.90 -34.32
N ALA B 121 19.79 -5.00 -34.07
CA ALA B 121 19.86 -4.07 -32.93
C ALA B 121 20.05 -4.74 -31.57
N PHE B 122 19.77 -6.04 -31.50
CA PHE B 122 20.04 -6.82 -30.30
C PHE B 122 21.53 -6.89 -30.00
N PHE B 123 22.32 -7.18 -31.03
CA PHE B 123 23.76 -7.37 -30.89
C PHE B 123 24.51 -6.03 -30.78
N SER B 124 23.85 -4.96 -31.22
CA SER B 124 24.36 -3.59 -31.05
C SER B 124 24.26 -3.15 -29.60
N ALA B 125 23.23 -3.64 -28.90
CA ALA B 125 22.90 -3.23 -27.53
C ALA B 125 23.61 -4.05 -26.44
N VAL B 126 23.74 -5.36 -26.68
CA VAL B 126 24.28 -6.26 -25.67
C VAL B 126 25.80 -6.14 -25.52
N GLU B 127 26.24 -6.21 -24.27
CA GLU B 127 27.64 -6.15 -23.91
C GLU B 127 27.95 -7.18 -22.84
N GLN B 128 29.24 -7.35 -22.55
CA GLN B 128 29.69 -8.14 -21.42
C GLN B 128 29.10 -7.66 -20.10
N ASN B 129 28.73 -8.62 -19.25
CA ASN B 129 28.15 -8.36 -17.92
C ASN B 129 26.71 -7.85 -17.91
N ASP B 130 26.16 -7.55 -19.09
CA ASP B 130 24.74 -7.26 -19.21
C ASP B 130 23.94 -8.50 -18.86
N VAL B 131 22.69 -8.31 -18.50
CA VAL B 131 21.83 -9.45 -18.28
C VAL B 131 20.77 -9.50 -19.39
N ILE B 132 20.68 -10.65 -20.04
CA ILE B 132 19.63 -10.92 -21.01
C ILE B 132 18.47 -11.61 -20.30
N LEU B 133 17.25 -11.18 -20.61
CA LEU B 133 16.06 -11.70 -19.93
C LEU B 133 15.12 -12.40 -20.90
N MET B 134 14.60 -13.55 -20.47
CA MET B 134 13.74 -14.39 -21.29
C MET B 134 12.50 -14.78 -20.49
N LEU B 135 11.44 -15.16 -21.21
CA LEU B 135 10.17 -15.59 -20.59
C LEU B 135 9.76 -14.66 -19.44
N ASP B 136 9.58 -13.37 -19.74
CA ASP B 136 9.13 -12.34 -18.78
C ASP B 136 10.10 -12.07 -17.61
N GLY B 137 11.39 -12.28 -17.84
CA GLY B 137 12.41 -12.08 -16.81
C GLY B 137 12.58 -13.20 -15.79
N ARG B 138 11.98 -14.36 -16.08
CA ARG B 138 12.04 -15.50 -15.16
C ARG B 138 13.45 -16.11 -15.11
N LEU B 139 14.02 -16.36 -16.28
CA LEU B 139 15.41 -16.83 -16.39
C LEU B 139 16.36 -15.70 -16.84
N ARG B 140 17.48 -15.58 -16.12
CA ARG B 140 18.46 -14.53 -16.38
C ARG B 140 19.79 -15.10 -16.90
N LEU B 141 20.36 -14.44 -17.91
CA LEU B 141 21.60 -14.89 -18.54
C LEU B 141 22.66 -13.80 -18.54
N LYS B 142 23.71 -13.99 -17.74
CA LYS B 142 24.79 -13.02 -17.60
C LYS B 142 25.81 -13.15 -18.73
N VAL B 143 25.84 -12.17 -19.62
CA VAL B 143 26.65 -12.23 -20.84
C VAL B 143 28.15 -12.33 -20.53
N THR B 144 28.73 -13.46 -20.94
CA THR B 144 30.13 -13.75 -20.70
C THR B 144 31.02 -13.27 -21.86
N ASN B 145 30.60 -13.61 -23.08
CA ASN B 145 31.32 -13.25 -24.31
C ASN B 145 30.44 -12.50 -25.30
N THR B 146 30.97 -11.41 -25.83
CA THR B 146 30.37 -10.70 -26.95
C THR B 146 31.16 -11.06 -28.22
N GLY B 147 30.45 -11.24 -29.33
CA GLY B 147 31.07 -11.64 -30.59
C GLY B 147 30.89 -10.64 -31.70
N SER B 148 30.01 -10.98 -32.64
CA SER B 148 29.71 -10.13 -33.79
C SER B 148 28.22 -10.22 -34.11
N ASP B 149 27.82 -11.35 -34.69
CA ASP B 149 26.43 -11.70 -34.92
C ASP B 149 25.97 -12.67 -33.83
N TRP B 150 26.79 -12.81 -32.79
CA TRP B 150 26.54 -13.78 -31.71
C TRP B 150 26.90 -13.25 -30.32
N ILE B 151 26.51 -14.02 -29.30
CA ILE B 151 26.77 -13.71 -27.91
C ILE B 151 26.80 -15.04 -27.13
N GLU B 152 27.41 -15.06 -25.94
CA GLU B 152 27.26 -16.20 -25.01
C GLU B 152 26.96 -15.72 -23.58
N ALA B 153 26.15 -16.50 -22.85
CA ALA B 153 25.69 -16.11 -21.50
C ALA B 153 25.43 -17.28 -20.54
N VAL B 154 25.74 -17.06 -19.26
CA VAL B 154 25.60 -18.05 -18.20
C VAL B 154 24.24 -17.96 -17.48
N ALA B 155 23.37 -18.96 -17.71
CA ALA B 155 22.09 -19.07 -17.02
C ALA B 155 22.26 -19.31 -15.51
N ALA B 166 9.57 -12.91 -26.51
CA ALA B 166 10.21 -11.59 -26.43
C ALA B 166 11.51 -11.63 -25.62
N ILE B 167 12.52 -10.91 -26.10
CA ILE B 167 13.83 -10.88 -25.41
C ILE B 167 14.32 -9.48 -25.01
N VAL B 168 14.70 -9.34 -23.74
CA VAL B 168 15.02 -8.04 -23.15
C VAL B 168 16.46 -7.97 -22.63
N VAL B 169 17.05 -6.79 -22.73
CA VAL B 169 18.32 -6.49 -22.06
C VAL B 169 18.03 -5.56 -20.89
N GLU B 170 18.30 -6.07 -19.69
CA GLU B 170 18.07 -5.37 -18.43
C GLU B 170 18.76 -4.02 -18.44
N GLY B 171 17.95 -2.97 -18.26
CA GLY B 171 18.45 -1.61 -18.19
C GLY B 171 18.70 -0.90 -19.51
N LYS B 172 18.51 -1.62 -20.62
CA LYS B 172 18.81 -1.07 -21.96
C LYS B 172 17.61 -1.02 -22.91
N ASP B 173 17.58 0.03 -23.73
CA ASP B 173 16.60 0.21 -24.80
C ASP B 173 17.23 -0.14 -26.15
N TYR B 174 16.51 -0.88 -26.98
CA TYR B 174 16.97 -1.17 -28.32
C TYR B 174 16.76 0.05 -29.20
N ASP B 175 17.62 0.21 -30.21
CA ASP B 175 17.45 1.33 -31.11
C ASP B 175 16.79 0.87 -32.41
N ILE B 176 15.50 0.59 -32.33
CA ILE B 176 14.72 0.13 -33.48
C ILE B 176 13.77 1.23 -33.92
N SER B 177 13.85 1.57 -35.21
CA SER B 177 13.03 2.63 -35.79
C SER B 177 11.53 2.27 -35.80
N THR B 178 10.70 3.29 -35.62
CA THR B 178 9.27 3.11 -35.33
C THR B 178 8.39 3.89 -36.34
N PRO B 179 7.07 3.56 -36.42
CA PRO B 179 6.40 2.37 -35.88
C PRO B 179 6.98 1.10 -36.47
N ALA B 180 6.96 0.02 -35.70
CA ALA B 180 7.38 -1.29 -36.16
C ALA B 180 6.47 -1.77 -37.30
N GLU B 181 7.03 -2.63 -38.15
CA GLU B 181 6.32 -3.20 -39.29
C GLU B 181 5.03 -3.85 -38.85
N GLU B 182 5.09 -4.67 -37.80
CA GLU B 182 3.91 -5.41 -37.34
C GLU B 182 2.87 -4.58 -36.58
N ASP B 183 3.27 -3.40 -36.09
CA ASP B 183 2.29 -2.44 -35.61
C ASP B 183 1.55 -1.82 -36.80
N VAL B 184 2.27 -1.54 -37.88
CA VAL B 184 1.66 -1.05 -39.12
C VAL B 184 0.66 -2.11 -39.62
N GLU B 185 1.07 -3.38 -39.59
CA GLU B 185 0.22 -4.50 -40.01
C GLU B 185 -1.03 -4.67 -39.17
N ALA B 186 -0.84 -4.67 -37.85
CA ALA B 186 -1.94 -4.87 -36.91
C ALA B 186 -2.99 -3.77 -37.05
N LEU B 187 -2.54 -2.54 -37.21
CA LEU B 187 -3.43 -1.38 -37.33
C LEU B 187 -4.18 -1.36 -38.66
N LYS B 188 -3.49 -1.70 -39.74
CA LYS B 188 -4.11 -1.76 -41.06
C LYS B 188 -5.23 -2.80 -41.08
N ALA B 189 -4.98 -3.91 -40.38
CA ALA B 189 -5.90 -5.03 -40.31
C ALA B 189 -7.16 -4.78 -39.48
N ILE B 190 -7.07 -3.92 -38.46
CA ILE B 190 -8.28 -3.57 -37.70
C ILE B 190 -8.87 -2.24 -38.11
N SER B 191 -8.24 -1.58 -39.09
CA SER B 191 -8.74 -0.28 -39.57
C SER B 191 -10.22 -0.23 -40.03
N PRO B 192 -10.81 -1.35 -40.52
CA PRO B 192 -12.26 -1.23 -40.79
C PRO B 192 -13.12 -1.01 -39.53
N ILE B 193 -12.64 -1.42 -38.35
CA ILE B 193 -13.39 -1.19 -37.10
C ILE B 193 -12.90 0.06 -36.31
N ARG B 194 -12.08 0.88 -36.97
CA ARG B 194 -11.44 2.05 -36.36
C ARG B 194 -12.37 3.06 -35.67
N ASP B 195 -13.59 3.25 -36.20
CA ASP B 195 -14.55 4.17 -35.57
C ASP B 195 -14.99 3.72 -34.14
N ASN B 196 -14.65 2.49 -33.77
CA ASN B 196 -14.99 1.91 -32.48
C ASN B 196 -13.77 1.77 -31.56
N ILE B 197 -12.64 2.34 -31.97
CA ILE B 197 -11.41 2.36 -31.19
C ILE B 197 -11.19 3.75 -30.57
N ASP B 198 -11.18 3.80 -29.24
CA ASP B 198 -11.05 5.04 -28.52
C ASP B 198 -9.61 5.40 -28.15
N TYR B 199 -8.80 4.38 -27.87
CA TYR B 199 -7.44 4.56 -27.43
C TYR B 199 -6.55 3.53 -28.12
N VAL B 200 -5.40 3.99 -28.57
CA VAL B 200 -4.37 3.10 -29.06
C VAL B 200 -3.19 3.29 -28.13
N ALA B 201 -2.81 2.22 -27.44
CA ALA B 201 -1.69 2.24 -26.49
C ALA B 201 -0.37 1.77 -27.13
N ILE B 202 0.67 2.61 -27.02
CA ILE B 202 1.96 2.43 -27.71
C ILE B 202 2.95 1.80 -26.74
N SER B 203 3.72 0.83 -27.23
CA SER B 203 4.72 0.13 -26.39
C SER B 203 6.14 0.58 -26.70
N LEU B 204 6.96 0.71 -25.65
CA LEU B 204 8.41 0.92 -25.78
C LEU B 204 8.84 2.28 -26.36
N ALA B 205 7.95 3.26 -26.37
CA ALA B 205 8.33 4.61 -26.75
C ALA B 205 9.41 5.14 -25.80
N LYS B 206 10.35 5.90 -26.34
CA LYS B 206 11.36 6.58 -25.51
C LYS B 206 11.57 8.03 -25.94
N SER B 207 10.95 8.43 -27.05
CA SER B 207 11.01 9.82 -27.47
C SER B 207 9.71 10.28 -28.11
N CYS B 208 9.56 11.60 -28.21
CA CYS B 208 8.39 12.20 -28.84
C CYS B 208 8.22 11.76 -30.27
N LYS B 209 9.34 11.53 -30.95
CA LYS B 209 9.34 10.99 -32.32
C LYS B 209 8.64 9.62 -32.42
N ASP B 210 8.88 8.74 -31.44
CA ASP B 210 8.15 7.48 -31.36
C ASP B 210 6.65 7.74 -31.33
N VAL B 211 6.25 8.69 -30.50
CA VAL B 211 4.83 8.97 -30.30
C VAL B 211 4.22 9.66 -31.53
N ASP B 212 4.90 10.69 -32.04
CA ASP B 212 4.45 11.41 -33.23
C ASP B 212 4.28 10.52 -34.46
N SER B 213 5.20 9.58 -34.64
CA SER B 213 5.14 8.63 -35.74
C SER B 213 3.89 7.77 -35.69
N VAL B 214 3.50 7.32 -34.49
CA VAL B 214 2.29 6.52 -34.37
C VAL B 214 1.07 7.41 -34.68
N ARG B 215 1.10 8.65 -34.21
CA ARG B 215 0.04 9.61 -34.49
C ARG B 215 -0.21 9.88 -35.97
N SER B 216 0.88 9.94 -36.75
CA SER B 216 0.80 10.20 -38.20
C SER B 216 0.20 9.00 -38.87
N LEU B 217 0.64 7.81 -38.45
CA LEU B 217 0.13 6.57 -39.00
C LEU B 217 -1.37 6.46 -38.75
N LEU B 218 -1.80 6.78 -37.53
CA LEU B 218 -3.21 6.68 -37.18
C LEU B 218 -4.02 7.66 -38.05
N THR B 219 -3.57 8.91 -38.11
CA THR B 219 -4.21 9.91 -38.99
C THR B 219 -4.37 9.45 -40.45
N GLU B 220 -3.30 8.90 -41.03
CA GLU B 220 -3.30 8.33 -42.38
C GLU B 220 -4.35 7.24 -42.55
N LEU B 221 -4.48 6.38 -41.53
CA LEU B 221 -5.43 5.26 -41.63
C LEU B 221 -6.83 5.69 -41.27
N GLY B 222 -6.99 6.96 -40.91
CA GLY B 222 -8.30 7.52 -40.58
C GLY B 222 -8.78 7.27 -39.14
N PHE B 223 -7.89 6.87 -38.24
CA PHE B 223 -8.27 6.73 -36.81
C PHE B 223 -8.47 8.13 -36.20
N GLN B 224 -9.40 8.23 -35.26
CA GLN B 224 -9.51 9.41 -34.38
C GLN B 224 -9.43 8.91 -32.94
N SER B 225 -8.29 8.36 -32.59
CA SER B 225 -8.04 7.81 -31.28
C SER B 225 -7.04 8.63 -30.48
N GLN B 226 -7.16 8.56 -29.16
CA GLN B 226 -6.15 9.09 -28.27
C GLN B 226 -5.00 8.12 -28.26
N VAL B 227 -3.78 8.65 -28.11
CA VAL B 227 -2.57 7.83 -28.02
C VAL B 227 -2.16 7.70 -26.57
N ALA B 228 -2.18 6.47 -26.07
CA ALA B 228 -1.73 6.18 -24.72
C ALA B 228 -0.27 5.70 -24.75
N VAL B 229 0.58 6.35 -23.96
CA VAL B 229 1.98 6.01 -23.96
C VAL B 229 2.33 5.21 -22.71
N LYS B 230 2.77 3.97 -22.92
CA LYS B 230 3.22 3.13 -21.83
C LYS B 230 4.65 3.48 -21.49
N ILE B 231 4.90 3.71 -20.19
CA ILE B 231 6.25 3.96 -19.71
C ILE B 231 6.76 2.62 -19.22
N GLU B 232 7.69 2.04 -20.00
CA GLU B 232 8.09 0.64 -19.89
C GLU B 232 9.60 0.41 -19.75
N THR B 233 10.41 1.44 -19.89
CA THR B 233 11.87 1.29 -19.92
C THR B 233 12.59 2.41 -19.19
N LYS B 234 13.86 2.17 -18.87
CA LYS B 234 14.74 3.18 -18.31
C LYS B 234 14.83 4.38 -19.25
N GLY B 235 14.87 4.09 -20.55
CA GLY B 235 14.92 5.13 -21.57
C GLY B 235 13.71 6.04 -21.54
N ALA B 236 12.53 5.46 -21.31
CA ALA B 236 11.31 6.27 -21.15
C ALA B 236 11.36 7.11 -19.86
N VAL B 237 11.78 6.46 -18.77
CA VAL B 237 11.90 7.11 -17.45
C VAL B 237 12.93 8.26 -17.43
N ASN B 238 14.07 8.07 -18.08
CA ASN B 238 15.05 9.15 -18.22
C ASN B 238 14.54 10.29 -19.11
N ASN B 239 13.62 9.98 -20.01
CA ASN B 239 13.04 10.99 -20.89
C ASN B 239 11.61 11.39 -20.51
N LEU B 240 11.29 11.29 -19.23
CA LEU B 240 9.91 11.29 -18.78
C LEU B 240 9.21 12.62 -19.07
N GLU B 241 9.91 13.69 -18.76
CA GLU B 241 9.42 15.05 -18.93
C GLU B 241 8.85 15.34 -20.32
N GLU B 242 9.66 15.14 -21.36
CA GLU B 242 9.27 15.38 -22.76
C GLU B 242 8.20 14.40 -23.21
N LEU B 243 8.36 13.13 -22.85
CA LEU B 243 7.43 12.06 -23.23
C LEU B 243 6.01 12.25 -22.65
N VAL B 244 5.93 12.61 -21.39
CA VAL B 244 4.65 12.87 -20.74
C VAL B 244 3.93 14.02 -21.45
N GLN B 245 4.69 15.06 -21.79
CA GLN B 245 4.10 16.25 -22.42
C GLN B 245 3.56 16.06 -23.84
N CYS B 246 4.00 15.03 -24.55
CA CYS B 246 3.48 14.76 -25.89
C CYS B 246 2.50 13.57 -25.95
N SER B 247 2.15 13.01 -24.78
CA SER B 247 1.18 11.91 -24.70
C SER B 247 -0.24 12.43 -24.58
N ASP B 248 -1.21 11.65 -25.03
CA ASP B 248 -2.60 11.93 -24.64
C ASP B 248 -2.99 11.27 -23.31
N TYR B 249 -2.34 10.17 -22.95
CA TYR B 249 -2.69 9.38 -21.75
C TYR B 249 -1.37 8.67 -21.40
N VAL B 250 -1.02 8.61 -20.12
CA VAL B 250 0.23 7.95 -19.68
C VAL B 250 -0.12 6.67 -18.93
N VAL B 251 0.64 5.60 -19.16
CA VAL B 251 0.40 4.31 -18.50
C VAL B 251 1.69 3.83 -17.83
N VAL B 252 1.62 3.60 -16.51
CA VAL B 252 2.69 2.90 -15.83
C VAL B 252 2.50 1.39 -16.12
N ALA B 253 3.38 0.80 -16.94
CA ALA B 253 3.28 -0.62 -17.22
C ALA B 253 4.23 -1.34 -16.26
N ARG B 254 3.69 -1.75 -15.11
CA ARG B 254 4.50 -2.24 -14.00
C ARG B 254 5.26 -3.51 -14.36
N GLY B 255 4.62 -4.43 -15.10
CA GLY B 255 5.28 -5.68 -15.50
C GLY B 255 6.54 -5.44 -16.29
N ASP B 256 6.39 -4.78 -17.44
CA ASP B 256 7.50 -4.46 -18.33
C ASP B 256 8.59 -3.63 -17.67
N LEU B 257 8.17 -2.63 -16.90
CA LEU B 257 9.10 -1.73 -16.20
C LEU B 257 9.88 -2.42 -15.09
N GLY B 258 9.26 -3.43 -14.47
CA GLY B 258 9.88 -4.19 -13.40
C GLY B 258 11.14 -4.93 -13.83
N LEU B 259 11.21 -5.23 -15.13
CA LEU B 259 12.34 -5.88 -15.76
C LEU B 259 13.62 -5.03 -15.78
N HIS B 260 13.46 -3.71 -15.80
CA HIS B 260 14.61 -2.80 -15.88
C HIS B 260 15.04 -2.22 -14.53
N TYR B 261 14.22 -2.47 -13.51
CA TYR B 261 14.49 -1.97 -12.16
C TYR B 261 14.49 -3.10 -11.15
N GLY B 262 15.10 -2.86 -10.00
CA GLY B 262 14.99 -3.82 -8.89
C GLY B 262 13.55 -3.83 -8.41
N LEU B 263 13.15 -4.92 -7.75
CA LEU B 263 11.79 -5.04 -7.22
C LEU B 263 11.50 -3.92 -6.19
N ASP B 264 12.50 -3.61 -5.36
CA ASP B 264 12.43 -2.56 -4.34
C ASP B 264 12.53 -1.11 -4.86
N ALA B 265 12.92 -0.97 -6.12
CA ALA B 265 13.10 0.35 -6.74
C ALA B 265 11.87 0.86 -7.50
N LEU B 266 10.95 -0.05 -7.81
CA LEU B 266 9.82 0.26 -8.68
C LEU B 266 8.75 1.20 -8.07
N PRO B 267 8.46 1.10 -6.75
CA PRO B 267 7.54 2.06 -6.12
C PRO B 267 7.90 3.55 -6.28
N ILE B 268 9.18 3.89 -6.17
CA ILE B 268 9.67 5.25 -6.39
C ILE B 268 9.44 5.70 -7.85
N VAL B 269 9.64 4.79 -8.79
CA VAL B 269 9.51 5.06 -10.23
C VAL B 269 8.04 5.31 -10.59
N GLN B 270 7.16 4.44 -10.09
CA GLN B 270 5.71 4.61 -10.27
C GLN B 270 5.29 5.99 -9.75
N ARG B 271 5.81 6.35 -8.59
CA ARG B 271 5.47 7.63 -7.98
C ARG B 271 5.92 8.83 -8.81
N ARG B 272 7.13 8.78 -9.33
CA ARG B 272 7.66 9.83 -10.19
C ARG B 272 6.82 9.97 -11.47
N ILE B 273 6.42 8.84 -12.05
CA ILE B 273 5.61 8.82 -13.27
C ILE B 273 4.24 9.43 -13.04
N VAL B 274 3.60 9.04 -11.93
CA VAL B 274 2.28 9.55 -11.59
C VAL B 274 2.36 11.04 -11.25
N HIS B 275 3.30 11.43 -10.40
CA HIS B 275 3.48 12.83 -10.04
C HIS B 275 3.71 13.71 -11.29
N THR B 276 4.59 13.27 -12.19
CA THR B 276 4.83 13.99 -13.46
C THR B 276 3.63 14.15 -14.37
N SER B 277 2.87 13.08 -14.59
CA SER B 277 1.64 13.20 -15.40
C SER B 277 0.62 14.14 -14.79
N LEU B 278 0.43 14.05 -13.47
CA LEU B 278 -0.51 14.95 -12.75
C LEU B 278 -0.05 16.41 -12.86
N LYS B 279 1.26 16.64 -12.75
CA LYS B 279 1.86 17.97 -12.86
C LYS B 279 1.56 18.60 -14.23
N TYR B 280 1.66 17.79 -15.28
CA TYR B 280 1.41 18.24 -16.65
C TYR B 280 0.00 18.02 -17.17
N GLY B 281 -0.91 17.60 -16.29
CA GLY B 281 -2.32 17.56 -16.63
C GLY B 281 -2.66 16.49 -17.66
N LYS B 282 -1.97 15.35 -17.55
CA LYS B 282 -2.18 14.20 -18.43
C LYS B 282 -2.88 13.07 -17.66
N PRO B 283 -3.98 12.53 -18.22
CA PRO B 283 -4.58 11.36 -17.58
C PRO B 283 -3.55 10.24 -17.40
N ILE B 284 -3.65 9.50 -16.30
CA ILE B 284 -2.61 8.55 -15.91
C ILE B 284 -3.26 7.23 -15.37
N ALA B 285 -2.79 6.12 -15.92
CA ALA B 285 -3.22 4.78 -15.54
C ALA B 285 -2.05 4.00 -14.95
N VAL B 286 -2.35 3.08 -14.05
CA VAL B 286 -1.35 2.11 -13.62
C VAL B 286 -1.86 0.75 -14.12
N ALA B 287 -1.02 0.02 -14.86
CA ALA B 287 -1.42 -1.24 -15.46
C ALA B 287 -0.56 -2.42 -15.00
N THR B 288 -1.18 -3.60 -14.98
CA THR B 288 -0.58 -4.92 -14.71
C THR B 288 -0.16 -5.15 -13.25
N GLN B 289 -0.13 -6.42 -12.84
CA GLN B 289 0.31 -6.79 -11.49
C GLN B 289 -0.46 -6.04 -10.40
N LEU B 290 -1.77 -5.96 -10.54
CA LEU B 290 -2.58 -5.30 -9.50
C LEU B 290 -3.28 -6.34 -8.61
N LEU B 291 -3.95 -7.29 -9.24
CA LEU B 291 -4.58 -8.42 -8.52
C LEU B 291 -4.09 -9.76 -9.09
N ASP B 292 -2.77 -9.87 -9.27
CA ASP B 292 -2.11 -11.05 -9.85
C ASP B 292 -2.50 -12.43 -9.29
N SER B 293 -2.55 -12.57 -7.96
CA SER B 293 -2.98 -13.82 -7.33
C SER B 293 -4.40 -14.26 -7.75
N MET B 294 -5.22 -13.32 -8.23
CA MET B 294 -6.61 -13.64 -8.64
C MET B 294 -6.73 -14.43 -9.94
N GLN B 295 -5.60 -14.64 -10.62
CA GLN B 295 -5.56 -15.59 -11.72
C GLN B 295 -5.95 -17.01 -11.29
N SER B 296 -5.77 -17.34 -9.99
CA SER B 296 -5.94 -18.71 -9.45
C SER B 296 -6.80 -18.75 -8.19
N SER B 297 -7.18 -17.58 -7.70
CA SER B 297 -8.02 -17.47 -6.50
C SER B 297 -9.12 -16.41 -6.70
N PRO B 298 -10.31 -16.65 -6.14
CA PRO B 298 -11.39 -15.66 -6.34
C PRO B 298 -11.35 -14.53 -5.29
N ILE B 299 -10.28 -14.48 -4.51
CA ILE B 299 -10.09 -13.44 -3.50
C ILE B 299 -8.63 -13.02 -3.60
N PRO B 300 -8.34 -11.69 -3.56
CA PRO B 300 -6.94 -11.21 -3.54
C PRO B 300 -6.26 -11.39 -2.18
N THR B 301 -4.93 -11.23 -2.15
CA THR B 301 -4.18 -11.14 -0.91
C THR B 301 -4.41 -9.76 -0.29
N ARG B 302 -4.21 -9.68 1.04
CA ARG B 302 -4.19 -8.40 1.76
C ARG B 302 -3.18 -7.39 1.20
N ALA B 303 -1.98 -7.85 0.86
CA ALA B 303 -0.98 -6.97 0.28
C ALA B 303 -1.46 -6.37 -1.06
N GLU B 304 -2.18 -7.16 -1.84
CA GLU B 304 -2.72 -6.72 -3.15
C GLU B 304 -3.82 -5.70 -3.01
N ILE B 305 -4.67 -5.89 -1.99
CA ILE B 305 -5.68 -4.93 -1.59
C ILE B 305 -5.03 -3.60 -1.18
N ASN B 306 -3.99 -3.65 -0.36
CA ASN B 306 -3.26 -2.45 0.08
C ASN B 306 -2.62 -1.72 -1.11
N ASP B 307 -1.97 -2.47 -1.97
CA ASP B 307 -1.34 -1.96 -3.22
C ASP B 307 -2.38 -1.27 -4.10
N VAL B 308 -3.53 -1.91 -4.32
CA VAL B 308 -4.58 -1.29 -5.14
C VAL B 308 -5.06 -0.01 -4.47
N PHE B 309 -5.25 -0.07 -3.14
CA PHE B 309 -5.79 1.04 -2.38
C PHE B 309 -4.85 2.26 -2.40
N THR B 310 -3.56 2.05 -2.17
CA THR B 310 -2.58 3.13 -2.09
C THR B 310 -2.31 3.71 -3.49
N THR B 311 -2.36 2.86 -4.51
CA THR B 311 -2.18 3.32 -5.88
C THR B 311 -3.36 4.20 -6.29
N ALA B 312 -4.60 3.75 -6.04
CA ALA B 312 -5.77 4.59 -6.30
C ALA B 312 -5.72 5.92 -5.51
N SER B 313 -5.35 5.82 -4.24
CA SER B 313 -5.27 6.98 -3.35
C SER B 313 -4.37 8.12 -3.87
N MET B 314 -3.33 7.79 -4.64
CA MET B 314 -2.45 8.79 -5.32
C MET B 314 -3.18 9.72 -6.33
N GLY B 315 -4.33 9.28 -6.83
CA GLY B 315 -5.15 10.12 -7.70
C GLY B 315 -5.06 9.77 -9.18
N VAL B 316 -4.69 8.53 -9.51
CA VAL B 316 -4.59 8.12 -10.92
C VAL B 316 -5.98 8.13 -11.54
N ASP B 317 -6.08 8.36 -12.85
CA ASP B 317 -7.36 8.27 -13.56
C ASP B 317 -7.98 6.87 -13.54
N SER B 318 -7.15 5.86 -13.77
CA SER B 318 -7.66 4.52 -14.02
C SER B 318 -6.68 3.45 -13.61
N LEU B 319 -7.21 2.24 -13.37
CA LEU B 319 -6.38 1.06 -13.11
C LEU B 319 -6.76 -0.03 -14.10
N TRP B 320 -5.74 -0.67 -14.68
CA TRP B 320 -5.97 -1.63 -15.76
C TRP B 320 -5.60 -3.03 -15.30
N LEU B 321 -6.58 -3.91 -15.27
CA LEU B 321 -6.34 -5.33 -15.06
C LEU B 321 -5.94 -5.95 -16.40
N THR B 322 -4.98 -6.87 -16.37
CA THR B 322 -4.53 -7.52 -17.60
C THR B 322 -4.81 -9.03 -17.55
N ASN B 323 -3.83 -9.81 -17.09
CA ASN B 323 -3.93 -11.28 -17.04
C ASN B 323 -5.05 -11.77 -16.14
N GLU B 324 -5.35 -11.02 -15.10
CA GLU B 324 -6.35 -11.37 -14.10
C GLU B 324 -7.71 -11.57 -14.71
N THR B 325 -7.97 -10.88 -15.82
CA THR B 325 -9.24 -11.02 -16.51
C THR B 325 -9.13 -11.64 -17.89
N ALA B 326 -7.99 -11.44 -18.57
CA ALA B 326 -7.83 -11.91 -19.95
C ALA B 326 -7.74 -13.43 -20.04
N SER B 327 -7.03 -14.03 -19.09
CA SER B 327 -6.71 -15.47 -19.15
C SER B 327 -6.87 -16.17 -17.80
N GLY B 328 -7.10 -15.41 -16.73
CA GLY B 328 -7.27 -16.00 -15.39
C GLY B 328 -8.52 -16.85 -15.24
N LYS B 329 -8.59 -17.59 -14.13
CA LYS B 329 -9.71 -18.45 -13.81
C LYS B 329 -10.93 -17.70 -13.27
N TYR B 330 -10.73 -16.50 -12.70
CA TYR B 330 -11.82 -15.75 -12.05
C TYR B 330 -11.99 -14.29 -12.52
N PRO B 331 -12.33 -14.09 -13.82
CA PRO B 331 -12.46 -12.73 -14.38
C PRO B 331 -13.49 -11.83 -13.65
N LEU B 332 -14.65 -12.40 -13.29
CA LEU B 332 -15.70 -11.63 -12.61
C LEU B 332 -15.30 -11.27 -11.18
N ALA B 333 -14.70 -12.23 -10.47
CA ALA B 333 -14.24 -11.93 -9.12
C ALA B 333 -13.21 -10.79 -9.16
N ALA B 334 -12.37 -10.77 -10.19
CA ALA B 334 -11.29 -9.79 -10.31
C ALA B 334 -11.80 -8.36 -10.43
N VAL B 335 -12.74 -8.12 -11.34
CA VAL B 335 -13.31 -6.77 -11.49
C VAL B 335 -14.26 -6.44 -10.35
N SER B 336 -14.90 -7.45 -9.78
CA SER B 336 -15.73 -7.26 -8.60
C SER B 336 -14.91 -6.76 -7.41
N TRP B 337 -13.74 -7.38 -7.19
CA TRP B 337 -12.76 -6.95 -6.18
C TRP B 337 -12.04 -5.60 -6.42
N LEU B 338 -11.60 -5.37 -7.65
CA LEU B 338 -11.11 -4.03 -8.00
C LEU B 338 -12.11 -2.94 -7.59
N SER B 339 -13.35 -3.09 -8.05
CA SER B 339 -14.39 -2.10 -7.85
C SER B 339 -14.73 -1.87 -6.38
N ARG B 340 -14.78 -2.95 -5.61
CA ARG B 340 -15.01 -2.91 -4.16
C ARG B 340 -13.91 -2.18 -3.40
N ILE B 341 -12.64 -2.51 -3.66
CA ILE B 341 -11.54 -1.80 -3.02
C ILE B 341 -11.63 -0.30 -3.32
N LEU B 342 -11.99 0.06 -4.55
CA LEU B 342 -12.03 1.45 -4.95
C LEU B 342 -13.09 2.25 -4.18
N MET B 343 -14.19 1.58 -3.82
CA MET B 343 -15.25 2.22 -3.02
C MET B 343 -14.86 2.57 -1.58
N ASN B 344 -13.76 2.00 -1.08
CA ASN B 344 -13.23 2.35 0.25
C ASN B 344 -12.17 3.44 0.21
N VAL B 345 -11.69 3.78 -0.97
CA VAL B 345 -10.54 4.69 -1.11
C VAL B 345 -10.83 6.09 -0.59
N GLU B 346 -9.93 6.60 0.25
CA GLU B 346 -9.85 8.01 0.54
C GLU B 346 -8.58 8.54 -0.13
N TYR B 347 -8.76 9.63 -0.87
CA TYR B 347 -7.73 10.15 -1.73
C TYR B 347 -6.79 11.11 -1.03
N GLN B 348 -5.51 10.98 -1.32
CA GLN B 348 -4.54 11.89 -0.73
C GLN B 348 -4.26 13.05 -1.66
N ILE B 349 -4.40 14.27 -1.13
CA ILE B 349 -4.30 15.51 -1.92
C ILE B 349 -3.27 15.38 -3.07
N PRO B 350 -3.75 15.31 -4.32
CA PRO B 350 -2.82 15.02 -5.39
C PRO B 350 -1.97 16.22 -5.82
N GLN B 351 -0.77 15.93 -6.31
CA GLN B 351 0.01 16.84 -7.12
C GLN B 351 -0.94 17.70 -7.98
N SER B 352 -0.80 19.01 -7.84
CA SER B 352 -1.64 19.95 -8.60
C SER B 352 -1.00 20.22 -9.97
N PRO B 353 -1.82 20.36 -11.04
CA PRO B 353 -1.23 20.68 -12.33
C PRO B 353 -0.77 22.12 -12.43
N LEU B 354 0.28 22.32 -13.22
CA LEU B 354 0.68 23.64 -13.67
C LEU B 354 -0.50 24.36 -14.30
N LEU B 355 -0.60 25.65 -13.99
CA LEU B 355 -1.47 26.57 -14.70
C LEU B 355 -0.64 27.15 -15.83
N GLN B 356 -0.98 26.78 -17.06
CA GLN B 356 -0.23 27.16 -18.24
C GLN B 356 -0.95 28.30 -18.98
N ASN B 357 -2.26 28.44 -18.76
CA ASN B 357 -3.07 29.49 -19.37
C ASN B 357 -4.31 29.82 -18.53
N SER B 358 -5.13 30.73 -19.02
CA SER B 358 -6.23 31.24 -18.24
C SER B 358 -7.48 30.35 -18.30
N ARG B 359 -7.55 29.44 -19.29
CA ARG B 359 -8.55 28.37 -19.29
C ARG B 359 -8.29 27.39 -18.15
N ASP B 360 -7.02 27.13 -17.86
CA ASP B 360 -6.62 26.39 -16.65
C ASP B 360 -7.02 27.10 -15.36
N ARG B 361 -6.77 28.42 -15.28
CA ARG B 361 -7.15 29.22 -14.11
C ARG B 361 -8.67 29.20 -13.95
N PHE B 362 -9.38 29.31 -15.07
CA PHE B 362 -10.85 29.18 -15.07
C PHE B 362 -11.32 27.81 -14.54
N ALA B 363 -10.79 26.73 -15.10
CA ALA B 363 -11.19 25.38 -14.69
C ALA B 363 -10.94 25.11 -13.20
N LYS B 364 -9.76 25.55 -12.72
CA LYS B 364 -9.33 25.33 -11.34
C LYS B 364 -10.21 26.11 -10.39
N GLY B 365 -10.51 27.35 -10.75
CA GLY B 365 -11.44 28.16 -9.99
C GLY B 365 -12.84 27.54 -9.88
N LEU B 366 -13.35 26.95 -10.95
CA LEU B 366 -14.62 26.24 -10.89
C LEU B 366 -14.58 25.02 -9.96
N VAL B 367 -13.48 24.27 -9.96
CA VAL B 367 -13.36 23.10 -9.10
C VAL B 367 -13.33 23.56 -7.64
N GLU B 368 -12.56 24.59 -7.36
CA GLU B 368 -12.46 25.10 -6.00
C GLU B 368 -13.80 25.68 -5.54
N LEU B 369 -14.48 26.39 -6.43
CA LEU B 369 -15.82 26.89 -6.15
C LEU B 369 -16.81 25.79 -5.81
N ALA B 370 -16.90 24.78 -6.68
CA ALA B 370 -17.82 23.65 -6.46
C ALA B 370 -17.51 22.94 -5.14
N GLN B 371 -16.23 22.79 -4.84
CA GLN B 371 -15.79 22.15 -3.60
C GLN B 371 -16.25 22.98 -2.39
N ASP B 372 -16.09 24.31 -2.46
CA ASP B 372 -16.49 25.22 -1.39
C ASP B 372 -18.01 25.33 -1.20
N LEU B 373 -18.80 25.03 -2.23
CA LEU B 373 -20.25 25.02 -2.15
C LEU B 373 -20.87 23.66 -1.89
N GLY B 374 -20.04 22.62 -1.84
CA GLY B 374 -20.53 21.25 -1.80
C GLY B 374 -21.32 20.86 -3.03
N ALA B 375 -20.88 21.29 -4.21
CA ALA B 375 -21.69 21.17 -5.40
C ALA B 375 -21.10 20.19 -6.43
N ASN B 376 -21.99 19.58 -7.20
CA ASN B 376 -21.59 18.80 -8.35
C ASN B 376 -21.32 19.67 -9.54
N ILE B 377 -20.33 19.27 -10.35
CA ILE B 377 -20.03 19.95 -11.60
C ILE B 377 -20.69 19.27 -12.78
N LEU B 378 -21.35 20.08 -13.61
CA LEU B 378 -21.92 19.61 -14.85
C LEU B 378 -21.22 20.29 -16.02
N VAL B 379 -20.81 19.52 -17.04
CA VAL B 379 -20.13 20.08 -18.22
C VAL B 379 -20.86 19.65 -19.50
N PHE B 380 -21.19 20.62 -20.35
CA PHE B 380 -21.64 20.30 -21.70
C PHE B 380 -20.51 20.64 -22.66
N SER B 381 -20.20 19.67 -23.52
CA SER B 381 -18.99 19.67 -24.30
C SER B 381 -19.20 18.92 -25.61
N MET B 382 -18.70 19.47 -26.72
CA MET B 382 -18.66 18.71 -27.98
C MET B 382 -17.37 17.90 -28.11
N SER B 383 -16.28 18.36 -27.55
CA SER B 383 -14.98 17.72 -27.76
C SER B 383 -14.45 16.99 -26.54
N GLY B 384 -14.99 17.32 -25.36
CA GLY B 384 -14.48 16.76 -24.11
C GLY B 384 -13.32 17.56 -23.51
N THR B 385 -12.91 18.61 -24.21
CA THR B 385 -11.77 19.43 -23.77
C THR B 385 -11.94 20.13 -22.38
N LEU B 386 -13.09 20.76 -22.17
CA LEU B 386 -13.33 21.42 -20.87
C LEU B 386 -13.50 20.39 -19.75
N ALA B 387 -14.15 19.28 -20.08
CA ALA B 387 -14.30 18.14 -19.15
C ALA B 387 -12.95 17.60 -18.68
N ARG B 388 -12.04 17.33 -19.61
CA ARG B 388 -10.66 16.91 -19.23
C ARG B 388 -9.89 17.99 -18.45
N ARG B 389 -10.09 19.27 -18.77
CA ARG B 389 -9.39 20.33 -18.05
C ARG B 389 -9.87 20.42 -16.59
N ILE B 390 -11.15 20.19 -16.38
CA ILE B 390 -11.71 20.18 -15.05
C ILE B 390 -11.26 18.96 -14.22
N ALA B 391 -11.28 17.78 -14.85
CA ALA B 391 -10.83 16.52 -14.24
C ALA B 391 -9.39 16.55 -13.76
N LYS B 392 -8.51 17.21 -14.51
CA LYS B 392 -7.10 17.26 -14.09
C LYS B 392 -6.85 18.01 -12.77
N PHE B 393 -7.80 18.86 -12.36
CA PHE B 393 -7.74 19.50 -11.05
C PHE B 393 -8.35 18.65 -9.95
N ARG B 394 -8.73 17.41 -10.31
CA ARG B 394 -9.16 16.36 -9.35
C ARG B 394 -10.32 16.77 -8.44
N PRO B 395 -11.50 17.06 -9.04
CA PRO B 395 -12.72 17.30 -8.26
C PRO B 395 -13.06 16.04 -7.48
N ARG B 396 -13.67 16.21 -6.30
CA ARG B 396 -13.82 15.05 -5.44
C ARG B 396 -15.22 14.47 -5.48
N GLY B 397 -16.00 14.92 -6.45
CA GLY B 397 -17.29 14.35 -6.75
C GLY B 397 -17.35 13.98 -8.24
N VAL B 398 -18.36 13.19 -8.58
CA VAL B 398 -18.67 12.89 -9.97
C VAL B 398 -18.92 14.19 -10.77
N VAL B 399 -18.36 14.24 -11.98
CA VAL B 399 -18.59 15.31 -12.94
C VAL B 399 -19.43 14.75 -14.06
N TYR B 400 -20.65 15.24 -14.21
CA TYR B 400 -21.54 14.79 -15.29
C TYR B 400 -21.22 15.59 -16.52
N VAL B 401 -20.92 14.88 -17.61
CA VAL B 401 -20.55 15.51 -18.87
C VAL B 401 -21.59 15.13 -19.92
N GLY B 402 -22.33 16.11 -20.42
CA GLY B 402 -23.25 15.86 -21.51
C GLY B 402 -22.55 16.11 -22.82
N THR B 403 -22.76 15.21 -23.78
CA THR B 403 -22.19 15.38 -25.11
C THR B 403 -23.06 14.77 -26.22
N PRO B 404 -23.14 15.44 -27.39
CA PRO B 404 -23.86 14.79 -28.50
C PRO B 404 -22.99 13.88 -29.37
N ASN B 405 -21.73 13.72 -29.00
N ASN B 405 -21.70 13.77 -29.06
CA ASN B 405 -20.78 12.91 -29.75
CA ASN B 405 -20.81 12.83 -29.76
C ASN B 405 -20.49 11.62 -28.96
C ASN B 405 -20.62 11.63 -28.89
N VAL B 406 -21.06 10.49 -29.40
CA VAL B 406 -20.93 9.23 -28.68
C VAL B 406 -19.46 8.86 -28.51
N ARG B 407 -18.62 9.21 -29.48
CA ARG B 407 -17.18 8.84 -29.45
C ARG B 407 -16.41 9.61 -28.37
N VAL B 408 -16.86 10.84 -28.12
CA VAL B 408 -16.34 11.66 -27.04
C VAL B 408 -16.76 11.03 -25.71
N ALA B 409 -18.02 10.62 -25.59
CA ALA B 409 -18.50 10.00 -24.38
C ALA B 409 -17.70 8.74 -24.04
N ARG B 410 -17.44 7.90 -25.04
CA ARG B 410 -16.61 6.71 -24.83
C ARG B 410 -15.20 7.06 -24.37
N SER B 411 -14.64 8.08 -24.99
CA SER B 411 -13.30 8.55 -24.66
C SER B 411 -13.16 9.03 -23.19
N LEU B 412 -14.17 9.73 -22.70
CA LEU B 412 -14.15 10.32 -21.38
C LEU B 412 -14.36 9.31 -20.22
N SER B 413 -14.84 8.10 -20.55
CA SER B 413 -15.27 7.14 -19.54
C SER B 413 -14.10 6.61 -18.70
N ILE B 414 -12.87 6.73 -19.18
CA ILE B 414 -11.70 6.34 -18.38
C ILE B 414 -10.85 7.53 -17.85
N VAL B 415 -11.41 8.73 -17.93
CA VAL B 415 -10.84 9.92 -17.28
C VAL B 415 -11.44 10.08 -15.86
N TRP B 416 -10.58 10.42 -14.90
CA TRP B 416 -10.99 10.68 -13.49
C TRP B 416 -12.35 11.40 -13.34
N ALA B 417 -13.23 10.86 -12.49
CA ALA B 417 -14.49 11.47 -12.03
C ALA B 417 -15.60 11.62 -13.06
N LEU B 418 -15.28 11.55 -14.36
CA LEU B 418 -16.24 11.94 -15.41
C LEU B 418 -17.32 10.90 -15.62
N GLU B 419 -18.55 11.36 -15.68
CA GLU B 419 -19.64 10.50 -16.08
C GLU B 419 -20.30 11.06 -17.32
N PRO B 420 -19.90 10.52 -18.48
CA PRO B 420 -20.39 11.04 -19.76
C PRO B 420 -21.75 10.49 -20.14
N LEU B 421 -22.61 11.38 -20.62
CA LEU B 421 -23.96 11.03 -21.04
C LEU B 421 -24.12 11.54 -22.47
N TYR B 422 -24.66 10.70 -23.34
CA TYR B 422 -24.97 11.11 -24.68
C TYR B 422 -26.20 12.02 -24.63
N ILE B 423 -26.04 13.26 -25.09
CA ILE B 423 -27.13 14.24 -25.07
C ILE B 423 -27.14 15.00 -26.41
N PRO B 424 -28.07 14.62 -27.32
CA PRO B 424 -28.20 15.36 -28.57
C PRO B 424 -28.66 16.77 -28.25
N ALA B 425 -28.01 17.75 -28.84
CA ALA B 425 -28.44 19.13 -28.65
C ALA B 425 -28.05 19.90 -29.88
N GLU B 426 -28.85 20.92 -30.21
CA GLU B 426 -28.61 21.77 -31.37
C GLU B 426 -27.53 22.82 -31.16
N ASN B 427 -27.34 23.23 -29.92
CA ASN B 427 -26.35 24.24 -29.55
C ASN B 427 -25.96 24.04 -28.10
N TYR B 428 -24.94 24.78 -27.64
CA TYR B 428 -24.39 24.62 -26.28
C TYR B 428 -25.35 24.97 -25.15
N GLU B 429 -26.09 26.05 -25.36
CA GLU B 429 -27.05 26.53 -24.37
C GLU B 429 -28.12 25.48 -24.16
N GLU B 430 -28.66 24.96 -25.26
CA GLU B 430 -29.63 23.90 -25.22
C GLU B 430 -29.08 22.64 -24.56
N GLY B 431 -27.85 22.28 -24.89
CA GLY B 431 -27.21 21.10 -24.29
C GLY B 431 -27.05 21.23 -22.79
N LEU B 432 -26.57 22.40 -22.33
CA LEU B 432 -26.45 22.62 -20.90
C LEU B 432 -27.81 22.64 -20.20
N GLU B 433 -28.83 23.27 -20.79
CA GLU B 433 -30.21 23.25 -20.25
C GLU B 433 -30.68 21.81 -20.04
N LYS B 434 -30.42 20.94 -21.03
CA LYS B 434 -30.79 19.51 -20.94
C LYS B 434 -29.99 18.71 -19.92
N LEU B 435 -28.69 18.99 -19.82
CA LEU B 435 -27.86 18.38 -18.80
C LEU B 435 -28.36 18.73 -17.38
N ILE B 436 -28.65 20.01 -17.15
CA ILE B 436 -29.15 20.50 -15.86
C ILE B 436 -30.50 19.83 -15.54
N SER B 437 -31.35 19.77 -16.55
CA SER B 437 -32.65 19.17 -16.43
C SER B 437 -32.53 17.73 -15.95
N LEU B 438 -31.46 17.07 -16.38
CA LEU B 438 -31.29 15.64 -16.18
C LEU B 438 -30.47 15.28 -14.92
N LYS B 439 -29.52 16.14 -14.54
CA LYS B 439 -28.57 15.82 -13.45
C LYS B 439 -28.44 16.98 -12.50
N GLY B 440 -29.36 17.93 -12.58
CA GLY B 440 -29.31 19.13 -11.77
C GLY B 440 -29.86 19.01 -10.34
N THR B 441 -29.42 17.97 -9.63
CA THR B 441 -29.57 17.93 -8.17
C THR B 441 -28.70 19.05 -7.57
N THR B 442 -29.31 19.88 -6.73
CA THR B 442 -28.62 21.01 -6.15
C THR B 442 -27.84 20.60 -4.89
N PRO B 443 -26.70 21.25 -4.62
CA PRO B 443 -26.12 22.35 -5.39
C PRO B 443 -25.33 21.89 -6.62
N PHE B 444 -25.31 22.71 -7.65
CA PHE B 444 -24.55 22.39 -8.85
C PHE B 444 -23.80 23.60 -9.44
N VAL B 445 -22.64 23.30 -10.05
CA VAL B 445 -21.92 24.27 -10.87
C VAL B 445 -21.91 23.70 -12.32
N ALA B 446 -22.62 24.36 -13.22
CA ALA B 446 -22.84 23.82 -14.56
C ALA B 446 -22.22 24.74 -15.60
N THR B 447 -21.49 24.19 -16.57
CA THR B 447 -20.64 25.00 -17.44
C THR B 447 -20.45 24.49 -18.87
N TYR B 448 -20.28 25.41 -19.82
CA TYR B 448 -19.69 25.12 -21.12
C TYR B 448 -18.78 26.31 -21.52
N GLY B 449 -17.92 26.07 -22.50
CA GLY B 449 -17.16 27.16 -23.10
C GLY B 449 -16.00 26.61 -23.88
N ILE B 450 -15.71 27.22 -25.02
CA ILE B 450 -14.57 26.83 -25.84
C ILE B 450 -13.58 27.99 -26.00
N ARG B 451 -12.36 27.62 -26.34
CA ARG B 451 -11.26 28.55 -26.49
C ARG B 451 -11.69 29.80 -27.27
N GLY B 452 -11.47 30.97 -26.67
CA GLY B 452 -11.81 32.27 -27.29
C GLY B 452 -13.28 32.66 -27.28
N GLY B 453 -14.15 31.78 -26.76
CA GLY B 453 -15.60 32.07 -26.68
C GLY B 453 -16.02 32.52 -25.29
N VAL B 454 -17.26 32.98 -25.16
CA VAL B 454 -17.82 33.32 -23.87
C VAL B 454 -18.09 32.02 -23.12
N HIS B 455 -17.46 31.86 -21.96
CA HIS B 455 -17.76 30.71 -21.11
C HIS B 455 -19.02 31.01 -20.29
N SER B 456 -19.88 30.02 -20.17
CA SER B 456 -21.10 30.17 -19.39
C SER B 456 -21.07 29.22 -18.20
N VAL B 457 -21.42 29.76 -17.04
CA VAL B 457 -21.56 29.00 -15.80
C VAL B 457 -22.95 29.30 -15.22
N LYS B 458 -23.67 28.25 -14.81
CA LYS B 458 -24.90 28.39 -14.04
C LYS B 458 -24.66 27.75 -12.68
N VAL B 459 -24.95 28.49 -11.61
CA VAL B 459 -24.75 28.00 -10.25
C VAL B 459 -26.09 28.06 -9.49
N LYS B 460 -26.48 26.91 -8.95
CA LYS B 460 -27.59 26.84 -8.00
C LYS B 460 -26.96 26.42 -6.68
N LEU B 461 -27.18 27.24 -5.65
CA LEU B 461 -26.51 27.03 -4.36
C LEU B 461 -27.30 26.08 -3.43
S SO4 C . 15.81 14.95 28.77
O1 SO4 C . 17.20 15.10 29.16
O2 SO4 C . 15.33 13.64 29.23
O3 SO4 C . 15.68 15.03 27.32
O4 SO4 C . 14.97 15.99 29.35
S SO4 D . -15.21 21.60 -24.45
O1 SO4 D . -13.87 22.05 -24.19
O2 SO4 D . -15.37 20.26 -23.95
O3 SO4 D . -15.58 21.68 -25.83
O4 SO4 D . -16.12 22.49 -23.76
S SO4 E . -10.14 31.45 -23.95
O1 SO4 E . -9.16 31.64 -22.89
O2 SO4 E . -10.65 30.11 -23.94
O3 SO4 E . -9.41 31.71 -25.18
O4 SO4 E . -11.27 32.33 -23.81
#